data_8SGK
#
_entry.id   8SGK
#
_cell.length_a   1.00
_cell.length_b   1.00
_cell.length_c   1.00
_cell.angle_alpha   90.00
_cell.angle_beta   90.00
_cell.angle_gamma   90.00
#
_symmetry.space_group_name_H-M   'P 1'
#
loop_
_entity.id
_entity.type
_entity.pdbx_description
1 polymer Bacteriophytochrome
2 non-polymer '3-[2-[(Z)-[3-(2-carboxyethyl)-5-[(Z)-(4-ethenyl-3-methyl-5-oxidanylidene-pyrrol-2-ylidene)methyl]-4-methyl-pyrrol-1-ium -2-ylidene]methyl]-5-[(Z)-[(3E)-3-ethylidene-4-methyl-5-oxidanylidene-pyrrolidin-2-ylidene]methyl]-4-methyl-1H-pyrrol-3- yl]propanoic acid'
#
_entity_poly.entity_id   1
_entity_poly.type   'polypeptide(L)'
_entity_poly.pdbx_seq_one_letter_code
;MASMTGGQQMGRGSMSRDPLPFFPPLYLGGPEITTENCEREPIHIPGSIQPHGALLTADGHSGEVLQMSLNAATFLGQEP
TVLRGQTLAALLPEQWPALQAALPPGCPDALQYRATLDWPAAGHLSLTVHRVGELLILEFEPTEAWDSTGPHALRNAMFA
LESAPNLRALAEVATQTVRELTGFDRVMLYKFAPDATGEVIAEARREGLHAFLGHRFPASDIPAQARALYTRHLLRLTAD
TRAAAVPLDPVLNPQTNAPTPLGGAVLRATSPMHMQYLRNMGVGSSLSVSVVVGGQLWGLIACHHQTPYVLPPDLRTTLE
YLGRLLSLQVQVKEAADVAAFRQSLREHHARVALAAAHSLSPHDTLSDPALDLLGLMRAGGLILRFEGRWQTLGEVPPAP
AVDALLAWLETQPGALVQTDALGQLWPAGADLAPSAAGLLAISVGEGWSECLVWLRPELRLEVAWGGATPDQAKDDLGPR
HSFDTYLEEKRGYAEPWHPGEIEEAQDLRDTLTGALGERLSVIRDLNRALTQSNAEWRQYGFVISHHMQEPVRLISQFAE
LLTRQPRAQDGSPDSPQTERITGFLLRETSRLRSLTQDLHTYTALLSAPPPVRRPTPLGRVVDDVLQDLEPRIADTGASI
EVAPELPVIAADAGLLRDLLLHLIGNALTFGGPEPRIAVRTERQGAGWSIAVSDQGAGIAPEYQERIFLLFQRLGSLDEA
LGNGLGLPLCRKIAELHGGTLTVESAPGEGSTFRCWLPDAGPLPGAADALEHHHHHH
;
_entity_poly.pdbx_strand_id   A,B
#
loop_
_chem_comp.id
_chem_comp.type
_chem_comp.name
_chem_comp.formula
LBV non-polymer '3-[2-[(Z)-[3-(2-carboxyethyl)-5-[(Z)-(4-ethenyl-3-methyl-5-oxidanylidene-pyrrol-2-ylidene)methyl]-4-methyl-pyrrol-1-ium -2-ylidene]methyl]-5-[(Z)-[(3E)-3-ethylidene-4-methyl-5-oxidanylidene-pyrrolidin-2-ylidene]methyl]-4-methyl-1H-pyrrol-3- yl]propanoic acid' 'C33 H37 N4 O6 1'
#
# COMPACT_ATOMS: atom_id res chain seq x y z
N PHE A 22 -8.14 -29.05 -10.64
CA PHE A 22 -7.60 -30.32 -10.16
C PHE A 22 -7.96 -31.45 -11.11
N PHE A 23 -8.62 -31.10 -12.21
CA PHE A 23 -9.14 -32.08 -13.16
C PHE A 23 -8.76 -31.68 -14.57
N PRO A 24 -8.72 -32.64 -15.50
CA PRO A 24 -8.45 -32.30 -16.91
C PRO A 24 -9.53 -31.38 -17.46
N PRO A 25 -9.26 -30.71 -18.57
CA PRO A 25 -10.24 -29.75 -19.11
C PRO A 25 -11.51 -30.43 -19.57
N LEU A 26 -12.58 -29.63 -19.62
CA LEU A 26 -13.90 -30.16 -19.93
C LEU A 26 -13.96 -30.78 -21.32
N TYR A 27 -13.35 -30.12 -22.31
CA TYR A 27 -13.45 -30.60 -23.69
C TYR A 27 -12.57 -31.83 -23.94
N LEU A 28 -11.65 -32.13 -23.03
CA LEU A 28 -10.72 -33.25 -23.27
C LEU A 28 -10.56 -34.10 -22.00
N GLY A 29 -11.68 -34.52 -21.40
CA GLY A 29 -11.64 -35.43 -20.29
C GLY A 29 -11.97 -34.82 -18.94
N GLY A 30 -12.90 -33.87 -18.90
CA GLY A 30 -13.30 -33.27 -17.65
C GLY A 30 -14.57 -33.89 -17.11
N PRO A 31 -14.66 -34.01 -15.78
CA PRO A 31 -15.88 -34.57 -15.17
C PRO A 31 -17.06 -33.64 -15.36
N GLU A 32 -18.26 -34.23 -15.34
CA GLU A 32 -19.48 -33.46 -15.50
C GLU A 32 -19.60 -32.42 -14.39
N ILE A 33 -19.95 -31.20 -14.79
CA ILE A 33 -19.98 -30.06 -13.87
C ILE A 33 -21.28 -30.07 -13.08
N THR A 34 -21.17 -30.23 -11.76
CA THR A 34 -22.30 -30.14 -10.86
C THR A 34 -22.12 -28.95 -9.93
N THR A 35 -23.11 -28.71 -9.08
CA THR A 35 -23.03 -27.61 -8.13
C THR A 35 -21.90 -27.83 -7.13
N GLU A 36 -21.72 -29.07 -6.67
CA GLU A 36 -20.70 -29.33 -5.66
C GLU A 36 -19.30 -29.19 -6.23
N ASN A 37 -19.04 -29.75 -7.40
CA ASN A 37 -17.69 -29.77 -7.97
C ASN A 37 -17.42 -28.59 -8.88
N CYS A 38 -18.11 -27.45 -8.69
CA CYS A 38 -17.80 -26.27 -9.48
C CYS A 38 -16.40 -25.73 -9.21
N GLU A 39 -15.82 -26.09 -8.06
CA GLU A 39 -14.45 -25.70 -7.76
C GLU A 39 -13.41 -26.54 -8.49
N ARG A 40 -13.82 -27.65 -9.10
CA ARG A 40 -12.91 -28.51 -9.85
C ARG A 40 -12.89 -28.20 -11.34
N GLU A 41 -13.76 -27.33 -11.82
CA GLU A 41 -13.77 -26.98 -13.24
C GLU A 41 -12.62 -26.03 -13.54
N PRO A 42 -11.73 -26.37 -14.47
CA PRO A 42 -10.63 -25.46 -14.81
C PRO A 42 -11.09 -24.33 -15.71
N ILE A 43 -11.18 -23.13 -15.13
CA ILE A 43 -11.65 -21.97 -15.88
C ILE A 43 -10.51 -21.31 -16.65
N HIS A 44 -9.27 -21.48 -16.19
CA HIS A 44 -8.14 -20.86 -16.88
C HIS A 44 -7.84 -21.53 -18.21
N ILE A 45 -8.35 -22.73 -18.44
CA ILE A 45 -8.10 -23.47 -19.68
C ILE A 45 -9.42 -23.95 -20.29
N PRO A 46 -10.31 -23.03 -20.70
CA PRO A 46 -11.60 -23.46 -21.23
C PRO A 46 -11.52 -23.93 -22.67
N GLY A 47 -10.48 -23.51 -23.38
CA GLY A 47 -10.35 -23.86 -24.78
C GLY A 47 -11.27 -23.12 -25.72
N SER A 48 -11.79 -21.97 -25.31
CA SER A 48 -12.67 -21.18 -26.15
C SER A 48 -12.50 -19.70 -25.80
N ILE A 49 -12.89 -18.84 -26.73
CA ILE A 49 -12.78 -17.39 -26.56
C ILE A 49 -14.08 -16.74 -26.96
N GLN A 50 -14.25 -15.50 -26.51
CA GLN A 50 -15.42 -14.72 -26.88
C GLN A 50 -15.39 -14.37 -28.36
N PRO A 51 -16.55 -14.23 -29.00
CA PRO A 51 -16.58 -13.94 -30.45
C PRO A 51 -16.40 -12.47 -30.81
N HIS A 52 -16.08 -11.61 -29.86
CA HIS A 52 -15.90 -10.19 -30.14
C HIS A 52 -14.47 -9.86 -30.58
N GLY A 53 -13.59 -10.85 -30.66
CA GLY A 53 -12.22 -10.62 -31.10
C GLY A 53 -11.59 -11.91 -31.55
N ALA A 54 -10.34 -11.79 -32.00
CA ALA A 54 -9.58 -12.91 -32.54
C ALA A 54 -8.36 -13.17 -31.67
N LEU A 55 -7.98 -14.44 -31.57
CA LEU A 55 -6.84 -14.85 -30.75
C LEU A 55 -5.87 -15.64 -31.61
N LEU A 56 -4.58 -15.29 -31.54
CA LEU A 56 -3.52 -16.00 -32.22
C LEU A 56 -2.46 -16.42 -31.20
N THR A 57 -1.94 -17.63 -31.36
CA THR A 57 -0.92 -18.17 -30.48
C THR A 57 0.30 -18.55 -31.31
N ALA A 58 1.45 -17.99 -30.97
CA ALA A 58 2.68 -18.22 -31.71
C ALA A 58 3.83 -18.44 -30.74
N ASP A 59 4.86 -19.13 -31.21
CA ASP A 59 6.06 -19.34 -30.41
C ASP A 59 6.82 -18.03 -30.23
N GLY A 60 7.32 -17.82 -29.01
CA GLY A 60 8.06 -16.59 -28.74
C GLY A 60 9.46 -16.58 -29.31
N HIS A 61 9.95 -17.73 -29.78
CA HIS A 61 11.28 -17.81 -30.35
C HIS A 61 11.27 -18.09 -31.83
N SER A 62 10.19 -18.66 -32.37
CA SER A 62 10.13 -18.98 -33.79
C SER A 62 9.41 -17.91 -34.60
N GLY A 63 8.31 -17.38 -34.09
CA GLY A 63 7.52 -16.41 -34.81
C GLY A 63 6.44 -16.97 -35.69
N GLU A 64 6.15 -18.26 -35.59
CA GLU A 64 5.12 -18.91 -36.39
C GLU A 64 3.91 -19.21 -35.52
N VAL A 65 2.72 -18.87 -36.03
CA VAL A 65 1.49 -19.09 -35.28
C VAL A 65 1.24 -20.59 -35.15
N LEU A 66 0.97 -21.03 -33.92
CA LEU A 66 0.70 -22.43 -33.63
C LEU A 66 -0.78 -22.70 -33.42
N GLN A 67 -1.48 -21.84 -32.70
CA GLN A 67 -2.90 -22.02 -32.44
C GLN A 67 -3.65 -20.75 -32.84
N MET A 68 -4.87 -20.95 -33.35
CA MET A 68 -5.68 -19.84 -33.83
C MET A 68 -7.14 -20.13 -33.51
N SER A 69 -7.95 -19.08 -33.52
CA SER A 69 -9.38 -19.21 -33.29
C SER A 69 -10.12 -19.34 -34.61
N LEU A 70 -11.33 -19.89 -34.54
CA LEU A 70 -12.14 -20.05 -35.75
C LEU A 70 -12.54 -18.71 -36.35
N ASN A 71 -12.77 -17.70 -35.50
CA ASN A 71 -13.14 -16.37 -35.95
C ASN A 71 -11.94 -15.55 -36.40
N ALA A 72 -10.71 -16.04 -36.20
CA ALA A 72 -9.53 -15.27 -36.55
C ALA A 72 -9.46 -15.01 -38.06
N ALA A 73 -9.84 -15.99 -38.87
CA ALA A 73 -9.80 -15.82 -40.32
C ALA A 73 -10.74 -14.70 -40.77
N THR A 74 -11.95 -14.65 -40.21
CA THR A 74 -12.88 -13.59 -40.57
C THR A 74 -12.42 -12.24 -40.02
N PHE A 75 -11.87 -12.23 -38.81
CA PHE A 75 -11.44 -10.97 -38.20
C PHE A 75 -10.29 -10.35 -38.97
N LEU A 76 -9.28 -11.14 -39.32
CA LEU A 76 -8.12 -10.62 -40.03
C LEU A 76 -8.35 -10.49 -41.53
N GLY A 77 -9.43 -11.07 -42.05
CA GLY A 77 -9.71 -11.00 -43.46
C GLY A 77 -8.95 -11.97 -44.33
N GLN A 78 -8.11 -12.81 -43.74
CA GLN A 78 -7.33 -13.79 -44.49
C GLN A 78 -7.97 -15.17 -44.39
N GLU A 79 -7.74 -15.98 -45.42
CA GLU A 79 -8.27 -17.34 -45.43
C GLU A 79 -7.54 -18.17 -44.38
N PRO A 80 -8.20 -19.19 -43.81
CA PRO A 80 -7.54 -20.02 -42.80
C PRO A 80 -6.30 -20.74 -43.33
N THR A 81 -6.31 -21.13 -44.60
CA THR A 81 -5.11 -21.73 -45.18
C THR A 81 -3.95 -20.74 -45.21
N VAL A 82 -4.23 -19.49 -45.56
CA VAL A 82 -3.18 -18.46 -45.56
C VAL A 82 -2.71 -18.17 -44.15
N LEU A 83 -3.62 -18.22 -43.16
CA LEU A 83 -3.26 -17.93 -41.79
C LEU A 83 -2.24 -18.94 -41.25
N ARG A 84 -2.39 -20.21 -41.62
CA ARG A 84 -1.48 -21.24 -41.13
C ARG A 84 -0.08 -21.02 -41.68
N GLY A 85 0.91 -21.02 -40.79
CA GLY A 85 2.28 -20.84 -41.20
C GLY A 85 2.71 -19.42 -41.48
N GLN A 86 1.82 -18.45 -41.27
CA GLN A 86 2.17 -17.05 -41.52
C GLN A 86 3.07 -16.54 -40.41
N THR A 87 4.30 -16.17 -40.76
CA THR A 87 5.27 -15.71 -39.77
C THR A 87 4.83 -14.39 -39.16
N LEU A 88 5.11 -14.21 -37.87
CA LEU A 88 4.73 -12.99 -37.18
C LEU A 88 5.52 -11.78 -37.71
N ALA A 89 6.71 -12.01 -38.25
CA ALA A 89 7.49 -10.90 -38.81
C ALA A 89 6.75 -10.26 -39.98
N ALA A 90 6.19 -11.08 -40.87
CA ALA A 90 5.38 -10.55 -41.95
C ALA A 90 4.00 -10.15 -41.44
N LEU A 91 3.46 -10.90 -40.47
CA LEU A 91 2.16 -10.56 -39.91
C LEU A 91 2.21 -9.23 -39.18
N LEU A 92 3.28 -8.97 -38.44
CA LEU A 92 3.49 -7.70 -37.75
C LEU A 92 4.72 -7.03 -38.32
N PRO A 93 4.56 -6.12 -39.29
CA PRO A 93 5.75 -5.51 -39.92
C PRO A 93 6.63 -4.74 -38.96
N GLU A 94 6.05 -4.08 -37.95
CA GLU A 94 6.81 -3.24 -37.05
C GLU A 94 6.69 -3.62 -35.58
N GLN A 95 5.64 -4.35 -35.20
CA GLN A 95 5.45 -4.67 -33.79
C GLN A 95 6.33 -5.81 -33.31
N TRP A 96 6.92 -6.59 -34.24
CA TRP A 96 7.73 -7.72 -33.83
C TRP A 96 8.96 -7.32 -33.03
N PRO A 97 9.79 -6.36 -33.47
CA PRO A 97 10.92 -5.96 -32.61
C PRO A 97 10.48 -5.43 -31.26
N ALA A 98 9.38 -4.67 -31.22
CA ALA A 98 8.83 -4.23 -29.95
C ALA A 98 8.32 -5.40 -29.13
N LEU A 99 7.73 -6.41 -29.80
CA LEU A 99 7.29 -7.61 -29.09
C LEU A 99 8.45 -8.31 -28.40
N GLN A 100 9.58 -8.43 -29.10
CA GLN A 100 10.73 -9.10 -28.50
C GLN A 100 11.35 -8.23 -27.40
N ALA A 101 11.46 -6.93 -27.63
CA ALA A 101 12.10 -6.05 -26.65
C ALA A 101 11.29 -5.95 -25.36
N ALA A 102 9.97 -5.80 -25.48
CA ALA A 102 9.13 -5.59 -24.31
C ALA A 102 8.78 -6.89 -23.59
N LEU A 103 8.98 -8.04 -24.23
CA LEU A 103 8.63 -9.33 -23.66
C LEU A 103 9.81 -10.30 -23.80
N PRO A 104 10.83 -10.15 -22.95
CA PRO A 104 11.90 -11.15 -22.94
C PRO A 104 11.39 -12.47 -22.43
N PRO A 105 12.02 -13.58 -22.82
CA PRO A 105 11.58 -14.90 -22.32
C PRO A 105 11.71 -15.00 -20.81
N GLY A 106 10.78 -15.73 -20.20
CA GLY A 106 10.80 -15.97 -18.78
C GLY A 106 10.10 -14.93 -17.93
N CYS A 107 9.48 -13.92 -18.53
CA CYS A 107 8.76 -12.92 -17.75
C CYS A 107 7.47 -13.51 -17.18
N PRO A 108 6.98 -12.95 -16.08
CA PRO A 108 5.74 -13.45 -15.49
C PRO A 108 4.55 -13.26 -16.43
N ASP A 109 3.53 -14.12 -16.24
CA ASP A 109 2.35 -14.08 -17.09
C ASP A 109 1.56 -12.79 -16.95
N ALA A 110 1.80 -12.01 -15.89
CA ALA A 110 1.07 -10.76 -15.68
C ALA A 110 1.58 -9.64 -16.57
N LEU A 111 2.69 -9.85 -17.28
CA LEU A 111 3.24 -8.81 -18.15
C LEU A 111 2.49 -8.81 -19.48
N GLN A 112 1.75 -7.74 -19.73
CA GLN A 112 1.00 -7.57 -20.97
C GLN A 112 1.56 -6.38 -21.74
N TYR A 113 1.64 -6.53 -23.06
CA TYR A 113 2.12 -5.47 -23.95
C TYR A 113 0.99 -5.12 -24.90
N ARG A 114 0.46 -3.90 -24.77
CA ARG A 114 -0.64 -3.43 -25.60
C ARG A 114 -0.12 -2.44 -26.62
N ALA A 115 -0.35 -2.72 -27.90
CA ALA A 115 0.06 -1.84 -28.99
C ALA A 115 -1.10 -1.67 -29.97
N THR A 116 -1.19 -0.47 -30.54
CA THR A 116 -2.24 -0.16 -31.51
C THR A 116 -1.70 -0.44 -32.91
N LEU A 117 -2.07 -1.59 -33.46
CA LEU A 117 -1.66 -1.99 -34.79
C LEU A 117 -2.74 -1.59 -35.79
N ASP A 118 -2.36 -0.77 -36.77
CA ASP A 118 -3.32 -0.26 -37.76
C ASP A 118 -3.48 -1.27 -38.88
N TRP A 119 -4.34 -2.26 -38.64
CA TRP A 119 -4.64 -3.25 -39.67
C TRP A 119 -5.44 -2.60 -40.80
N PRO A 120 -4.99 -2.73 -42.05
CA PRO A 120 -5.72 -2.09 -43.16
C PRO A 120 -7.15 -2.57 -43.31
N ALA A 121 -7.42 -3.84 -43.02
CA ALA A 121 -8.78 -4.36 -43.17
C ALA A 121 -9.74 -3.73 -42.18
N ALA A 122 -9.30 -3.56 -40.93
CA ALA A 122 -10.16 -3.03 -39.87
C ALA A 122 -9.85 -1.58 -39.52
N GLY A 123 -8.87 -0.97 -40.16
CA GLY A 123 -8.52 0.40 -39.84
C GLY A 123 -7.57 0.46 -38.66
N HIS A 124 -8.11 0.78 -37.49
CA HIS A 124 -7.33 0.77 -36.25
C HIS A 124 -7.74 -0.45 -35.43
N LEU A 125 -6.75 -1.25 -35.04
CA LEU A 125 -6.99 -2.49 -34.31
C LEU A 125 -6.16 -2.50 -33.04
N SER A 126 -6.68 -3.17 -32.01
CA SER A 126 -6.03 -3.27 -30.72
C SER A 126 -5.30 -4.60 -30.62
N LEU A 127 -4.04 -4.56 -30.18
CA LEU A 127 -3.20 -5.73 -30.03
C LEU A 127 -2.67 -5.78 -28.60
N THR A 128 -2.88 -6.91 -27.93
CA THR A 128 -2.40 -7.12 -26.58
C THR A 128 -1.78 -8.50 -26.50
N VAL A 129 -0.56 -8.57 -25.95
CA VAL A 129 0.22 -9.81 -25.90
C VAL A 129 0.71 -10.03 -24.48
N HIS A 130 0.53 -11.25 -23.97
CA HIS A 130 1.13 -11.67 -22.72
C HIS A 130 1.72 -13.06 -22.92
N ARG A 131 2.89 -13.29 -22.34
CA ARG A 131 3.66 -14.50 -22.58
C ARG A 131 3.50 -15.48 -21.43
N VAL A 132 3.12 -16.71 -21.76
CA VAL A 132 3.05 -17.80 -20.80
C VAL A 132 4.01 -18.88 -21.27
N GLY A 133 5.05 -19.14 -20.48
CA GLY A 133 6.04 -20.12 -20.88
C GLY A 133 6.75 -19.69 -22.16
N GLU A 134 6.84 -20.62 -23.11
CA GLU A 134 7.48 -20.36 -24.39
C GLU A 134 6.49 -19.92 -25.46
N LEU A 135 5.21 -19.74 -25.10
CA LEU A 135 4.19 -19.39 -26.08
C LEU A 135 3.80 -17.92 -25.95
N LEU A 136 3.59 -17.28 -27.09
CA LEU A 136 3.15 -15.88 -27.16
C LEU A 136 1.68 -15.89 -27.56
N ILE A 137 0.84 -15.30 -26.71
CA ILE A 137 -0.59 -15.26 -26.93
C ILE A 137 -0.95 -13.86 -27.44
N LEU A 138 -1.54 -13.79 -28.62
CA LEU A 138 -1.93 -12.52 -29.22
C LEU A 138 -3.43 -12.33 -29.08
N GLU A 139 -3.83 -11.19 -28.52
CA GLU A 139 -5.23 -10.84 -28.34
C GLU A 139 -5.56 -9.67 -29.25
N PHE A 140 -6.56 -9.86 -30.11
CA PHE A 140 -6.96 -8.86 -31.08
C PHE A 140 -8.37 -8.38 -30.78
N GLU A 141 -8.53 -7.07 -30.62
CA GLU A 141 -9.82 -6.45 -30.33
C GLU A 141 -10.02 -5.25 -31.24
N PRO A 142 -11.27 -4.95 -31.60
CA PRO A 142 -11.53 -3.72 -32.35
C PRO A 142 -11.30 -2.48 -31.49
N THR A 143 -10.96 -1.39 -32.16
CA THR A 143 -10.73 -0.13 -31.49
C THR A 143 -10.97 1.01 -32.48
N GLU A 144 -11.11 2.22 -31.95
CA GLU A 144 -11.37 3.39 -32.76
C GLU A 144 -10.32 4.47 -32.50
N HIS A 152 -10.55 13.31 -19.49
CA HIS A 152 -9.93 14.33 -18.65
C HIS A 152 -10.46 14.26 -17.22
N ALA A 153 -11.65 13.69 -17.07
CA ALA A 153 -12.26 13.56 -15.75
C ALA A 153 -11.57 12.52 -14.88
N LEU A 154 -10.64 11.74 -15.44
CA LEU A 154 -9.98 10.72 -14.64
C LEU A 154 -9.12 11.33 -13.53
N ARG A 155 -8.53 12.50 -13.79
CA ARG A 155 -7.72 13.15 -12.75
C ARG A 155 -8.61 13.70 -11.64
N ASN A 156 -9.78 14.22 -11.99
CA ASN A 156 -10.71 14.69 -10.96
C ASN A 156 -11.13 13.54 -10.05
N ALA A 157 -11.42 12.37 -10.62
CA ALA A 157 -11.71 11.20 -9.81
C ALA A 157 -10.50 10.75 -9.01
N MET A 158 -9.31 10.85 -9.62
CA MET A 158 -8.07 10.53 -8.92
C MET A 158 -7.95 11.32 -7.62
N PHE A 159 -8.24 12.61 -7.69
CA PHE A 159 -8.17 13.44 -6.49
C PHE A 159 -9.37 13.22 -5.57
N ALA A 160 -10.54 12.91 -6.14
CA ALA A 160 -11.73 12.67 -5.32
C ALA A 160 -11.57 11.44 -4.45
N LEU A 161 -11.00 10.37 -5.01
CA LEU A 161 -10.82 9.13 -4.23
C LEU A 161 -9.87 9.36 -3.06
N GLU A 162 -8.81 10.15 -3.27
CA GLU A 162 -7.84 10.40 -2.22
C GLU A 162 -8.37 11.30 -1.11
N SER A 163 -9.49 12.00 -1.35
CA SER A 163 -10.05 12.92 -0.37
C SER A 163 -11.25 12.34 0.36
N ALA A 164 -11.49 11.04 0.23
CA ALA A 164 -12.64 10.43 0.90
C ALA A 164 -12.40 10.39 2.41
N PRO A 165 -13.30 10.93 3.23
CA PRO A 165 -13.08 10.92 4.68
C PRO A 165 -12.98 9.53 5.27
N ASN A 166 -13.73 8.56 4.74
CA ASN A 166 -13.76 7.21 5.28
C ASN A 166 -13.91 6.21 4.13
N LEU A 167 -13.74 4.93 4.47
CA LEU A 167 -13.84 3.88 3.45
C LEU A 167 -15.23 3.87 2.83
N ARG A 168 -16.26 3.96 3.66
CA ARG A 168 -17.63 3.93 3.13
C ARG A 168 -17.89 5.11 2.20
N ALA A 169 -17.33 6.28 2.51
CA ALA A 169 -17.49 7.44 1.64
C ALA A 169 -16.80 7.21 0.30
N LEU A 170 -15.67 6.48 0.31
CA LEU A 170 -14.94 6.23 -0.92
C LEU A 170 -15.72 5.31 -1.86
N ALA A 171 -16.55 4.43 -1.30
CA ALA A 171 -17.20 3.40 -2.10
C ALA A 171 -18.18 4.00 -3.11
N GLU A 172 -19.08 4.88 -2.64
CA GLU A 172 -20.03 5.49 -3.57
C GLU A 172 -19.33 6.37 -4.59
N VAL A 173 -18.28 7.09 -4.17
CA VAL A 173 -17.54 7.92 -5.11
C VAL A 173 -16.94 7.07 -6.22
N ALA A 174 -16.30 5.95 -5.85
CA ALA A 174 -15.68 5.09 -6.85
C ALA A 174 -16.73 4.47 -7.77
N THR A 175 -17.85 4.01 -7.21
CA THR A 175 -18.88 3.40 -8.04
C THR A 175 -19.49 4.41 -9.00
N GLN A 176 -19.75 5.64 -8.52
CA GLN A 176 -20.30 6.67 -9.38
C GLN A 176 -19.32 7.05 -10.48
N THR A 177 -18.02 7.13 -10.15
CA THR A 177 -17.02 7.42 -11.17
C THR A 177 -16.98 6.34 -12.24
N VAL A 178 -17.03 5.07 -11.81
CA VAL A 178 -17.02 3.97 -12.77
C VAL A 178 -18.26 4.02 -13.65
N ARG A 179 -19.42 4.29 -13.06
CA ARG A 179 -20.66 4.39 -13.84
C ARG A 179 -20.58 5.53 -14.84
N GLU A 180 -20.05 6.67 -14.43
CA GLU A 180 -19.92 7.80 -15.35
C GLU A 180 -18.97 7.47 -16.50
N LEU A 181 -17.86 6.80 -16.20
CA LEU A 181 -16.90 6.46 -17.24
C LEU A 181 -17.49 5.44 -18.23
N THR A 182 -18.05 4.35 -17.72
CA THR A 182 -18.50 3.26 -18.57
C THR A 182 -19.95 3.40 -19.02
N GLY A 183 -20.85 3.78 -18.12
CA GLY A 183 -22.26 3.80 -18.43
C GLY A 183 -22.98 2.50 -18.14
N PHE A 184 -22.39 1.63 -17.34
CA PHE A 184 -23.03 0.36 -17.01
C PHE A 184 -24.28 0.58 -16.18
N ASP A 185 -25.21 -0.38 -16.28
CA ASP A 185 -26.49 -0.29 -15.58
C ASP A 185 -26.28 -0.36 -14.07
N ARG A 186 -25.69 -1.44 -13.58
CA ARG A 186 -25.49 -1.68 -12.16
C ARG A 186 -23.99 -1.78 -11.88
N VAL A 187 -23.39 -0.66 -11.49
CA VAL A 187 -21.99 -0.65 -11.06
C VAL A 187 -21.97 -0.93 -9.57
N MET A 188 -21.47 -2.10 -9.19
CA MET A 188 -21.48 -2.55 -7.80
C MET A 188 -20.06 -2.74 -7.30
N LEU A 189 -19.82 -2.31 -6.07
CA LEU A 189 -18.55 -2.55 -5.40
C LEU A 189 -18.71 -3.77 -4.51
N TYR A 190 -17.89 -4.78 -4.74
CA TYR A 190 -17.98 -6.05 -4.04
C TYR A 190 -16.84 -6.15 -3.03
N LYS A 191 -17.18 -6.50 -1.79
CA LYS A 191 -16.21 -6.62 -0.72
C LYS A 191 -16.27 -8.02 -0.13
N PHE A 192 -15.10 -8.59 0.12
CA PHE A 192 -14.98 -9.95 0.64
C PHE A 192 -14.60 -9.91 2.11
N ALA A 193 -15.39 -10.59 2.94
CA ALA A 193 -15.04 -10.75 4.34
C ALA A 193 -13.93 -11.79 4.49
N PRO A 194 -13.21 -11.77 5.62
CA PRO A 194 -12.11 -12.74 5.80
C PRO A 194 -12.55 -14.20 5.72
N ASP A 195 -13.82 -14.50 6.00
CA ASP A 195 -14.32 -15.87 5.93
C ASP A 195 -14.80 -16.25 4.53
N ALA A 196 -14.28 -15.58 3.51
CA ALA A 196 -14.60 -15.87 2.10
C ALA A 196 -16.09 -15.65 1.79
N THR A 197 -16.71 -14.70 2.49
CA THR A 197 -18.08 -14.31 2.22
C THR A 197 -18.09 -12.88 1.70
N GLY A 198 -18.90 -12.62 0.68
CA GLY A 198 -18.92 -11.34 0.00
C GLY A 198 -20.14 -10.51 0.39
N GLU A 199 -19.91 -9.22 0.60
CA GLU A 199 -20.96 -8.27 0.90
C GLU A 199 -20.83 -7.05 0.01
N VAL A 200 -21.96 -6.46 -0.36
CA VAL A 200 -22.00 -5.30 -1.24
C VAL A 200 -21.97 -4.05 -0.36
N ILE A 201 -21.01 -3.15 -0.61
CA ILE A 201 -20.89 -1.93 0.17
C ILE A 201 -21.27 -0.69 -0.62
N ALA A 202 -21.45 -0.79 -1.93
CA ALA A 202 -21.87 0.35 -2.74
C ALA A 202 -22.52 -0.17 -4.01
N GLU A 203 -23.29 0.70 -4.65
CA GLU A 203 -23.96 0.34 -5.89
C GLU A 203 -24.34 1.61 -6.64
N ALA A 204 -23.75 1.81 -7.81
CA ALA A 204 -24.15 2.87 -8.73
C ALA A 204 -25.10 2.27 -9.76
N ARG A 205 -26.39 2.57 -9.62
CA ARG A 205 -27.43 1.88 -10.35
C ARG A 205 -28.31 2.88 -11.09
N ARG A 206 -28.69 2.50 -12.31
CA ARG A 206 -29.67 3.26 -13.06
C ARG A 206 -31.05 3.13 -12.41
N GLU A 207 -31.84 4.20 -12.51
CA GLU A 207 -33.16 4.21 -11.91
C GLU A 207 -34.06 3.14 -12.52
N GLY A 208 -34.77 2.42 -11.65
CA GLY A 208 -35.69 1.39 -12.08
C GLY A 208 -35.33 0.00 -11.61
N LEU A 209 -34.05 -0.36 -11.64
CA LEU A 209 -33.62 -1.68 -11.19
C LEU A 209 -33.63 -1.74 -9.67
N HIS A 210 -33.79 -2.96 -9.15
CA HIS A 210 -33.78 -3.16 -7.71
C HIS A 210 -32.35 -3.02 -7.18
N ALA A 211 -32.21 -2.28 -6.08
CA ALA A 211 -30.89 -2.05 -5.49
C ALA A 211 -30.42 -3.30 -4.77
N PHE A 212 -29.21 -3.74 -5.06
CA PHE A 212 -28.61 -4.90 -4.40
C PHE A 212 -27.73 -4.52 -3.22
N LEU A 213 -27.68 -3.25 -2.85
CA LEU A 213 -26.84 -2.80 -1.76
C LEU A 213 -27.26 -3.45 -0.44
N GLY A 214 -26.26 -3.92 0.32
CA GLY A 214 -26.50 -4.55 1.60
C GLY A 214 -26.57 -6.06 1.56
N HIS A 215 -26.81 -6.64 0.40
CA HIS A 215 -26.90 -8.09 0.29
C HIS A 215 -25.52 -8.73 0.50
N ARG A 216 -25.53 -9.88 1.17
CA ARG A 216 -24.32 -10.65 1.40
C ARG A 216 -24.48 -12.02 0.75
N PHE A 217 -23.47 -12.43 -0.01
CA PHE A 217 -23.57 -13.69 -0.76
C PHE A 217 -22.55 -14.70 -0.25
N PRO A 218 -22.84 -16.00 -0.37
CA PRO A 218 -21.91 -17.02 0.13
C PRO A 218 -20.68 -17.18 -0.75
N ALA A 219 -19.83 -18.15 -0.41
CA ALA A 219 -18.65 -18.44 -1.19
C ALA A 219 -18.94 -19.31 -2.41
N SER A 220 -20.16 -19.82 -2.54
CA SER A 220 -20.49 -20.68 -3.67
C SER A 220 -20.51 -19.91 -4.98
N ASP A 221 -20.92 -18.64 -4.96
CA ASP A 221 -21.00 -17.86 -6.20
C ASP A 221 -19.62 -17.69 -6.83
N ILE A 222 -18.60 -17.41 -6.03
CA ILE A 222 -17.24 -17.23 -6.52
C ILE A 222 -16.38 -18.34 -5.92
N PRO A 223 -16.02 -19.35 -6.70
CA PRO A 223 -15.21 -20.45 -6.16
C PRO A 223 -13.82 -19.98 -5.76
N ALA A 224 -13.19 -20.75 -4.87
CA ALA A 224 -11.85 -20.42 -4.40
C ALA A 224 -10.83 -20.43 -5.54
N GLN A 225 -11.07 -21.26 -6.56
CA GLN A 225 -10.19 -21.26 -7.72
C GLN A 225 -10.23 -19.92 -8.44
N ALA A 226 -11.40 -19.26 -8.46
CA ALA A 226 -11.47 -17.91 -9.01
C ALA A 226 -10.65 -16.95 -8.17
N ARG A 227 -10.76 -17.04 -6.84
CA ARG A 227 -9.99 -16.17 -5.96
C ARG A 227 -8.49 -16.34 -6.21
N ALA A 228 -8.04 -17.58 -6.42
CA ALA A 228 -6.66 -17.81 -6.81
C ALA A 228 -6.36 -17.18 -8.17
N LEU A 229 -7.30 -17.28 -9.11
CA LEU A 229 -7.11 -16.68 -10.43
C LEU A 229 -7.32 -15.18 -10.42
N TYR A 230 -8.15 -14.69 -9.50
CA TYR A 230 -8.54 -13.27 -9.54
C TYR A 230 -7.44 -12.35 -9.06
N THR A 231 -6.54 -12.83 -8.20
CA THR A 231 -5.48 -11.97 -7.67
C THR A 231 -4.39 -11.70 -8.70
N ARG A 232 -4.18 -12.62 -9.64
CA ARG A 232 -3.13 -12.43 -10.65
C ARG A 232 -3.64 -11.67 -11.87
N HIS A 233 -4.90 -11.89 -12.26
CA HIS A 233 -5.51 -11.18 -13.38
C HIS A 233 -6.67 -10.35 -12.82
N LEU A 234 -6.53 -9.02 -12.90
CA LEU A 234 -7.43 -8.15 -12.15
C LEU A 234 -8.69 -7.81 -12.94
N LEU A 235 -8.56 -7.66 -14.26
CA LEU A 235 -9.68 -7.23 -15.09
C LEU A 235 -10.14 -8.33 -16.02
N ARG A 236 -11.45 -8.44 -16.19
CA ARG A 236 -12.06 -9.39 -17.12
C ARG A 236 -13.14 -8.70 -17.94
N LEU A 237 -13.82 -9.46 -18.78
CA LEU A 237 -14.84 -8.91 -19.67
C LEU A 237 -15.75 -10.03 -20.14
N THR A 238 -16.98 -9.66 -20.46
CA THR A 238 -17.95 -10.58 -21.07
C THR A 238 -18.82 -9.75 -22.01
N ALA A 239 -18.53 -9.83 -23.31
CA ALA A 239 -19.23 -8.98 -24.27
C ALA A 239 -20.72 -9.29 -24.31
N ASP A 240 -21.09 -10.57 -24.30
CA ASP A 240 -22.49 -10.94 -24.35
C ASP A 240 -22.66 -12.33 -23.74
N THR A 241 -23.57 -12.44 -22.78
CA THR A 241 -23.82 -13.74 -22.15
C THR A 241 -24.57 -14.68 -23.07
N ARG A 242 -25.30 -14.17 -24.06
CA ARG A 242 -26.02 -15.01 -25.01
C ARG A 242 -25.18 -15.39 -26.22
N ALA A 243 -23.95 -14.89 -26.32
CA ALA A 243 -23.09 -15.21 -27.46
C ALA A 243 -22.33 -16.50 -27.20
N ALA A 244 -22.42 -17.44 -28.13
CA ALA A 244 -21.71 -18.71 -28.00
C ALA A 244 -20.24 -18.53 -28.33
N ALA A 245 -19.39 -19.13 -27.50
CA ALA A 245 -17.95 -19.03 -27.70
C ALA A 245 -17.51 -19.86 -28.91
N VAL A 246 -16.29 -19.60 -29.37
CA VAL A 246 -15.72 -20.33 -30.50
C VAL A 246 -14.47 -21.06 -30.03
N PRO A 247 -14.17 -22.23 -30.59
CA PRO A 247 -13.01 -23.00 -30.11
C PRO A 247 -11.72 -22.59 -30.81
N LEU A 248 -10.62 -23.20 -30.36
CA LEU A 248 -9.31 -22.97 -30.93
C LEU A 248 -8.85 -24.24 -31.64
N ASP A 249 -8.44 -24.10 -32.89
CA ASP A 249 -7.96 -25.24 -33.68
C ASP A 249 -6.47 -25.07 -33.98
N PRO A 250 -5.61 -25.98 -33.50
CA PRO A 250 -5.90 -27.15 -32.67
C PRO A 250 -6.16 -26.78 -31.22
N VAL A 251 -6.88 -27.62 -30.48
CA VAL A 251 -7.18 -27.34 -29.08
C VAL A 251 -5.92 -27.41 -28.23
N LEU A 252 -5.08 -28.43 -28.43
CA LEU A 252 -3.86 -28.56 -27.67
C LEU A 252 -2.71 -27.82 -28.35
N ASN A 253 -1.77 -27.35 -27.55
CA ASN A 253 -0.63 -26.62 -28.10
C ASN A 253 0.30 -27.59 -28.82
N PRO A 254 0.76 -27.25 -30.02
CA PRO A 254 1.70 -28.15 -30.73
C PRO A 254 3.02 -28.33 -29.99
N GLN A 255 3.38 -27.39 -29.11
CA GLN A 255 4.68 -27.48 -28.45
C GLN A 255 4.72 -28.63 -27.44
N THR A 256 3.70 -28.76 -26.60
CA THR A 256 3.71 -29.75 -25.53
C THR A 256 2.51 -30.70 -25.56
N ASN A 257 1.58 -30.54 -26.49
CA ASN A 257 0.38 -31.38 -26.56
C ASN A 257 -0.37 -31.36 -25.22
N ALA A 258 -0.54 -30.16 -24.68
CA ALA A 258 -1.16 -29.93 -23.39
C ALA A 258 -2.23 -28.85 -23.53
N PRO A 259 -3.17 -28.77 -22.58
CA PRO A 259 -4.15 -27.68 -22.63
C PRO A 259 -3.48 -26.32 -22.59
N THR A 260 -4.01 -25.41 -23.40
CA THR A 260 -3.42 -24.08 -23.53
C THR A 260 -3.83 -23.21 -22.35
N PRO A 261 -2.89 -22.65 -21.59
CA PRO A 261 -3.27 -21.76 -20.48
C PRO A 261 -3.80 -20.43 -20.98
N LEU A 262 -5.11 -20.24 -20.86
CA LEU A 262 -5.77 -19.02 -21.31
C LEU A 262 -6.23 -18.15 -20.14
N GLY A 263 -5.62 -18.32 -18.96
CA GLY A 263 -6.06 -17.58 -17.80
C GLY A 263 -5.86 -16.08 -17.93
N GLY A 264 -4.72 -15.67 -18.50
CA GLY A 264 -4.42 -14.27 -18.64
C GLY A 264 -5.02 -13.58 -19.85
N ALA A 265 -5.80 -14.30 -20.65
CA ALA A 265 -6.38 -13.73 -21.86
C ALA A 265 -7.73 -13.10 -21.54
N VAL A 266 -7.88 -11.82 -21.85
CA VAL A 266 -9.16 -11.15 -21.67
C VAL A 266 -10.22 -11.72 -22.59
N LEU A 267 -9.81 -12.14 -23.80
CA LEU A 267 -10.75 -12.70 -24.77
C LEU A 267 -11.31 -14.05 -24.35
N ARG A 268 -10.76 -14.68 -23.31
CA ARG A 268 -11.25 -15.97 -22.87
C ARG A 268 -12.70 -15.87 -22.43
N ALA A 269 -13.54 -16.75 -22.96
CA ALA A 269 -14.93 -16.82 -22.53
C ALA A 269 -14.99 -17.47 -21.15
N THR A 270 -15.85 -16.91 -20.28
CA THR A 270 -15.95 -17.42 -18.92
C THR A 270 -16.67 -18.77 -18.91
N SER A 271 -16.88 -19.29 -17.72
CA SER A 271 -17.48 -20.62 -17.58
C SER A 271 -18.89 -20.62 -18.13
N PRO A 272 -19.26 -21.60 -18.96
CA PRO A 272 -20.63 -21.64 -19.50
C PRO A 272 -21.70 -21.72 -18.44
N MET A 273 -21.46 -22.45 -17.34
CA MET A 273 -22.44 -22.48 -16.26
C MET A 273 -22.56 -21.11 -15.60
N HIS A 274 -21.43 -20.39 -15.46
CA HIS A 274 -21.50 -19.02 -14.98
C HIS A 274 -22.20 -18.12 -15.99
N MET A 275 -22.04 -18.39 -17.29
CA MET A 275 -22.78 -17.66 -18.31
C MET A 275 -24.28 -17.85 -18.12
N GLN A 276 -24.71 -19.09 -17.88
CA GLN A 276 -26.14 -19.33 -17.64
C GLN A 276 -26.61 -18.67 -16.35
N TYR A 277 -25.78 -18.71 -15.30
CA TYR A 277 -26.15 -18.07 -14.05
C TYR A 277 -26.34 -16.58 -14.22
N LEU A 278 -25.44 -15.94 -14.99
CA LEU A 278 -25.62 -14.52 -15.30
C LEU A 278 -26.84 -14.27 -16.16
N ARG A 279 -27.12 -15.19 -17.09
CA ARG A 279 -28.31 -15.07 -17.93
C ARG A 279 -29.59 -15.14 -17.09
N ASN A 280 -29.53 -15.86 -15.96
CA ASN A 280 -30.70 -15.95 -15.10
C ASN A 280 -31.14 -14.57 -14.59
N MET A 281 -30.20 -13.64 -14.45
CA MET A 281 -30.51 -12.29 -14.01
C MET A 281 -30.74 -11.33 -15.18
N GLY A 282 -30.72 -11.83 -16.41
CA GLY A 282 -30.92 -10.97 -17.57
C GLY A 282 -29.83 -9.94 -17.78
N VAL A 283 -28.57 -10.35 -17.65
CA VAL A 283 -27.43 -9.46 -17.81
C VAL A 283 -26.76 -9.76 -19.15
N GLY A 284 -26.59 -8.72 -19.97
CA GLY A 284 -25.94 -8.88 -21.25
C GLY A 284 -24.42 -8.90 -21.13
N SER A 285 -23.87 -7.82 -20.58
CA SER A 285 -22.43 -7.70 -20.38
C SER A 285 -22.13 -7.59 -18.89
N SER A 286 -21.07 -8.26 -18.45
CA SER A 286 -20.71 -8.29 -17.04
C SER A 286 -19.20 -8.18 -16.90
N LEU A 287 -18.72 -7.03 -16.44
CA LEU A 287 -17.30 -6.82 -16.20
C LEU A 287 -17.06 -6.70 -14.70
N SER A 288 -15.92 -7.24 -14.25
CA SER A 288 -15.53 -7.17 -12.85
C SER A 288 -14.06 -6.78 -12.76
N VAL A 289 -13.74 -5.82 -11.91
CA VAL A 289 -12.37 -5.42 -11.67
C VAL A 289 -11.95 -5.83 -10.26
N SER A 290 -10.83 -6.56 -10.18
CA SER A 290 -10.36 -7.07 -8.91
C SER A 290 -9.63 -5.99 -8.13
N VAL A 291 -9.80 -6.00 -6.81
CA VAL A 291 -9.09 -5.12 -5.91
C VAL A 291 -8.19 -6.00 -5.03
N VAL A 292 -6.88 -5.83 -5.17
CA VAL A 292 -5.89 -6.65 -4.47
C VAL A 292 -5.14 -5.75 -3.50
N VAL A 293 -5.14 -6.13 -2.23
CA VAL A 293 -4.48 -5.37 -1.17
C VAL A 293 -3.46 -6.30 -0.51
N GLY A 294 -2.20 -5.94 -0.60
CA GLY A 294 -1.15 -6.72 0.05
C GLY A 294 -1.02 -8.13 -0.49
N GLY A 295 -1.29 -8.34 -1.77
CA GLY A 295 -1.14 -9.63 -2.40
C GLY A 295 -2.34 -10.56 -2.27
N GLN A 296 -3.36 -10.15 -1.52
CA GLN A 296 -4.57 -10.95 -1.36
C GLN A 296 -5.77 -10.19 -1.87
N LEU A 297 -6.74 -10.93 -2.40
CA LEU A 297 -7.93 -10.31 -2.99
C LEU A 297 -8.77 -9.64 -1.90
N TRP A 298 -8.96 -8.33 -2.04
CA TRP A 298 -9.76 -7.58 -1.07
C TRP A 298 -11.22 -7.47 -1.51
N GLY A 299 -11.47 -7.33 -2.80
CA GLY A 299 -12.83 -7.21 -3.29
C GLY A 299 -12.84 -7.06 -4.80
N LEU A 300 -14.06 -6.94 -5.32
CA LEU A 300 -14.28 -6.79 -6.76
C LEU A 300 -15.10 -5.53 -7.03
N ILE A 301 -15.02 -5.06 -8.27
CA ILE A 301 -15.89 -3.98 -8.74
C ILE A 301 -16.70 -4.56 -9.90
N ALA A 302 -17.85 -5.12 -9.57
CA ALA A 302 -18.66 -5.80 -10.57
C ALA A 302 -19.58 -4.81 -11.27
N CYS A 303 -19.75 -5.02 -12.58
CA CYS A 303 -20.63 -4.20 -13.39
C CYS A 303 -21.54 -5.10 -14.20
N HIS A 304 -22.78 -4.68 -14.39
CA HIS A 304 -23.77 -5.45 -15.13
C HIS A 304 -24.47 -4.54 -16.13
N HIS A 305 -24.80 -5.10 -17.29
CA HIS A 305 -25.52 -4.38 -18.34
C HIS A 305 -26.65 -5.27 -18.85
N GLN A 306 -27.84 -4.69 -19.01
CA GLN A 306 -28.97 -5.45 -19.53
C GLN A 306 -28.71 -5.90 -20.96
N THR A 307 -28.12 -5.04 -21.78
CA THR A 307 -27.80 -5.35 -23.17
C THR A 307 -26.30 -5.55 -23.34
N PRO A 308 -25.88 -6.36 -24.30
CA PRO A 308 -24.45 -6.52 -24.55
C PRO A 308 -23.80 -5.20 -24.94
N TYR A 309 -22.56 -5.01 -24.47
CA TYR A 309 -21.87 -3.74 -24.69
C TYR A 309 -20.36 -4.03 -24.64
N VAL A 310 -19.74 -4.08 -25.82
CA VAL A 310 -18.29 -4.25 -25.89
C VAL A 310 -17.63 -2.98 -25.35
N LEU A 311 -16.39 -3.13 -24.89
CA LEU A 311 -15.76 -2.01 -24.21
C LEU A 311 -14.43 -1.67 -24.88
N PRO A 312 -14.27 -0.45 -25.38
CA PRO A 312 -12.99 -0.05 -26.01
C PRO A 312 -11.84 -0.14 -25.02
N PRO A 313 -10.66 -0.59 -25.48
CA PRO A 313 -9.54 -0.80 -24.54
C PRO A 313 -9.03 0.47 -23.89
N ASP A 314 -9.13 1.61 -24.56
CA ASP A 314 -8.58 2.85 -24.01
C ASP A 314 -9.28 3.28 -22.73
N LEU A 315 -10.48 2.78 -22.46
CA LEU A 315 -11.12 3.02 -21.18
C LEU A 315 -11.02 1.82 -20.25
N ARG A 316 -10.76 0.62 -20.77
CA ARG A 316 -10.38 -0.49 -19.91
C ARG A 316 -9.08 -0.20 -19.19
N THR A 317 -8.15 0.50 -19.84
CA THR A 317 -6.96 0.98 -19.16
C THR A 317 -7.32 1.93 -18.02
N THR A 318 -8.30 2.81 -18.26
CA THR A 318 -8.79 3.69 -17.21
C THR A 318 -9.38 2.90 -16.04
N LEU A 319 -10.12 1.84 -16.35
CA LEU A 319 -10.70 1.01 -15.30
C LEU A 319 -9.62 0.31 -14.49
N GLU A 320 -8.56 -0.16 -15.15
CA GLU A 320 -7.42 -0.73 -14.42
C GLU A 320 -6.77 0.33 -13.53
N TYR A 321 -6.65 1.56 -14.05
CA TYR A 321 -6.08 2.64 -13.25
C TYR A 321 -6.92 2.86 -12.00
N LEU A 322 -8.24 2.89 -12.16
CA LEU A 322 -9.15 3.04 -11.04
C LEU A 322 -9.03 1.89 -10.06
N GLY A 323 -8.86 0.66 -10.57
CA GLY A 323 -8.70 -0.47 -9.68
C GLY A 323 -7.45 -0.36 -8.81
N ARG A 324 -6.33 0.02 -9.41
CA ARG A 324 -5.11 0.20 -8.63
C ARG A 324 -5.26 1.35 -7.64
N LEU A 325 -5.89 2.44 -8.07
CA LEU A 325 -6.12 3.57 -7.17
C LEU A 325 -6.98 3.14 -5.99
N LEU A 326 -8.02 2.36 -6.24
CA LEU A 326 -8.88 1.87 -5.17
C LEU A 326 -8.11 0.95 -4.24
N SER A 327 -7.25 0.09 -4.78
CA SER A 327 -6.49 -0.82 -3.94
C SER A 327 -5.56 -0.06 -3.00
N LEU A 328 -4.94 1.01 -3.48
CA LEU A 328 -4.11 1.82 -2.60
C LEU A 328 -4.95 2.61 -1.59
N GLN A 329 -6.06 3.20 -2.06
CA GLN A 329 -6.83 4.11 -1.23
C GLN A 329 -7.61 3.36 -0.15
N VAL A 330 -8.00 2.10 -0.39
CA VAL A 330 -8.68 1.37 0.67
C VAL A 330 -7.73 1.07 1.82
N GLN A 331 -6.46 0.78 1.51
CA GLN A 331 -5.48 0.61 2.57
C GLN A 331 -5.31 1.89 3.37
N VAL A 332 -5.18 3.02 2.68
CA VAL A 332 -5.02 4.30 3.37
C VAL A 332 -6.26 4.58 4.22
N LYS A 333 -7.45 4.30 3.70
CA LYS A 333 -8.68 4.61 4.40
C LYS A 333 -8.89 3.70 5.60
N GLU A 334 -8.52 2.42 5.48
CA GLU A 334 -8.57 1.53 6.64
C GLU A 334 -7.60 2.00 7.72
N ALA A 335 -6.40 2.42 7.33
CA ALA A 335 -5.46 2.94 8.33
C ALA A 335 -6.05 4.17 9.03
N ALA A 336 -6.60 5.10 8.26
CA ALA A 336 -7.19 6.30 8.85
C ALA A 336 -8.39 5.96 9.74
N ASP A 337 -9.23 5.02 9.31
CA ASP A 337 -10.41 4.67 10.10
C ASP A 337 -10.01 3.97 11.39
N VAL A 338 -9.00 3.09 11.34
CA VAL A 338 -8.50 2.46 12.56
C VAL A 338 -7.94 3.49 13.51
N ALA A 339 -7.17 4.46 12.98
CA ALA A 339 -6.65 5.52 13.83
C ALA A 339 -7.76 6.34 14.45
N ALA A 340 -8.82 6.64 13.68
CA ALA A 340 -9.93 7.42 14.20
C ALA A 340 -10.71 6.65 15.26
N PHE A 341 -10.93 5.35 15.04
CA PHE A 341 -11.63 4.54 16.03
C PHE A 341 -10.83 4.43 17.31
N ARG A 342 -9.51 4.27 17.19
CA ARG A 342 -8.66 4.27 18.37
C ARG A 342 -8.62 5.64 19.03
N GLN A 343 -8.82 6.70 18.25
CA GLN A 343 -8.80 8.05 18.78
C GLN A 343 -9.87 8.25 19.84
N SER A 344 -10.99 7.56 19.70
CA SER A 344 -12.09 7.70 20.67
C SER A 344 -11.71 7.20 22.05
N LEU A 345 -10.67 6.37 22.15
CA LEU A 345 -10.41 5.59 23.36
C LEU A 345 -9.00 5.74 23.93
N ARG A 346 -8.34 6.89 23.77
CA ARG A 346 -7.06 7.07 24.44
C ARG A 346 -7.18 6.98 25.95
N GLU A 347 -8.16 7.66 26.55
CA GLU A 347 -8.24 7.71 28.00
C GLU A 347 -8.32 6.31 28.60
N HIS A 348 -9.25 5.48 28.12
CA HIS A 348 -9.33 4.11 28.59
C HIS A 348 -8.06 3.34 28.24
N HIS A 349 -7.62 3.42 26.98
CA HIS A 349 -6.46 2.66 26.54
C HIS A 349 -5.17 3.11 27.24
N ALA A 350 -4.93 4.41 27.31
CA ALA A 350 -3.73 4.90 28.00
C ALA A 350 -3.76 4.53 29.48
N ARG A 351 -4.93 4.66 30.11
CA ARG A 351 -5.03 4.35 31.53
C ARG A 351 -4.74 2.88 31.79
N VAL A 352 -5.33 1.98 30.98
CA VAL A 352 -5.09 0.56 31.20
C VAL A 352 -3.66 0.18 30.85
N ALA A 353 -3.08 0.79 29.82
CA ALA A 353 -1.69 0.50 29.47
C ALA A 353 -0.74 0.93 30.57
N LEU A 354 -0.99 2.09 31.17
CA LEU A 354 -0.16 2.53 32.28
C LEU A 354 -0.38 1.64 33.51
N ALA A 355 -1.61 1.18 33.73
CA ALA A 355 -1.95 0.42 34.91
C ALA A 355 -1.69 -1.08 34.75
N ALA A 356 -1.34 -1.55 33.55
CA ALA A 356 -1.07 -2.96 33.34
C ALA A 356 0.38 -3.26 32.99
N ALA A 357 1.10 -2.31 32.41
CA ALA A 357 2.49 -2.54 32.06
C ALA A 357 3.39 -2.63 33.29
N HIS A 358 3.01 -1.95 34.38
CA HIS A 358 3.79 -1.94 35.61
C HIS A 358 3.03 -2.60 36.77
N SER A 359 2.32 -3.68 36.49
CA SER A 359 1.55 -4.40 37.50
C SER A 359 2.28 -5.67 37.90
N LEU A 360 2.65 -5.76 39.19
CA LEU A 360 3.27 -6.98 39.68
C LEU A 360 2.25 -8.08 39.89
N SER A 361 1.02 -7.74 40.27
CA SER A 361 -0.06 -8.68 40.44
C SER A 361 -1.25 -8.21 39.63
N PRO A 362 -1.34 -8.61 38.35
CA PRO A 362 -2.44 -8.12 37.50
C PRO A 362 -3.83 -8.52 37.98
N HIS A 363 -3.95 -9.56 38.82
CA HIS A 363 -5.27 -9.98 39.29
C HIS A 363 -5.96 -8.87 40.07
N ASP A 364 -5.23 -8.21 40.96
CA ASP A 364 -5.81 -7.13 41.76
C ASP A 364 -5.75 -5.79 41.04
N THR A 365 -5.04 -5.69 39.92
CA THR A 365 -4.90 -4.43 39.20
C THR A 365 -5.77 -4.38 37.95
N LEU A 366 -6.22 -5.53 37.45
CA LEU A 366 -7.07 -5.56 36.27
C LEU A 366 -8.54 -5.86 36.58
N SER A 367 -8.82 -6.46 37.74
CA SER A 367 -10.18 -6.81 38.10
C SER A 367 -10.95 -5.67 38.78
N ASP A 368 -10.28 -4.59 39.13
CA ASP A 368 -10.98 -3.48 39.77
C ASP A 368 -11.85 -2.75 38.74
N PRO A 369 -13.01 -2.24 39.16
CA PRO A 369 -13.88 -1.53 38.21
C PRO A 369 -13.35 -0.18 37.77
N ALA A 370 -12.29 0.33 38.43
CA ALA A 370 -11.75 1.63 38.05
C ALA A 370 -11.22 1.61 36.61
N LEU A 371 -10.49 0.56 36.25
CA LEU A 371 -10.02 0.43 34.87
C LEU A 371 -11.19 0.24 33.91
N ASP A 372 -12.17 -0.58 34.30
CA ASP A 372 -13.34 -0.88 33.48
C ASP A 372 -12.93 -1.41 32.11
N LEU A 373 -12.21 -2.53 32.13
CA LEU A 373 -11.81 -3.18 30.88
C LEU A 373 -12.98 -3.80 30.16
N LEU A 374 -14.09 -4.05 30.86
CA LEU A 374 -15.29 -4.57 30.21
C LEU A 374 -15.85 -3.57 29.22
N GLY A 375 -15.92 -2.29 29.61
CA GLY A 375 -16.46 -1.27 28.74
C GLY A 375 -15.53 -0.83 27.63
N LEU A 376 -14.23 -1.09 27.77
CA LEU A 376 -13.29 -0.72 26.73
C LEU A 376 -13.55 -1.48 25.44
N MET A 377 -13.89 -2.76 25.54
CA MET A 377 -14.17 -3.59 24.38
C MET A 377 -15.66 -3.74 24.10
N ARG A 378 -16.52 -3.12 24.91
CA ARG A 378 -17.97 -3.21 24.75
C ARG A 378 -18.42 -4.68 24.75
N ALA A 379 -18.07 -5.37 25.83
CA ALA A 379 -18.33 -6.80 25.97
C ALA A 379 -19.17 -7.05 27.21
N GLY A 380 -19.91 -8.15 27.18
CA GLY A 380 -20.79 -8.49 28.29
C GLY A 380 -20.12 -9.27 29.39
N GLY A 381 -18.94 -9.84 29.10
CA GLY A 381 -18.23 -10.62 30.10
C GLY A 381 -16.74 -10.62 29.83
N LEU A 382 -15.97 -10.92 30.87
CA LEU A 382 -14.53 -10.95 30.78
C LEU A 382 -13.98 -11.99 31.76
N ILE A 383 -12.95 -12.71 31.34
CA ILE A 383 -12.31 -13.74 32.14
C ILE A 383 -10.86 -13.35 32.37
N LEU A 384 -10.43 -13.36 33.62
CA LEU A 384 -9.08 -12.99 34.03
C LEU A 384 -8.37 -14.25 34.52
N ARG A 385 -7.71 -14.95 33.60
CA ARG A 385 -7.00 -16.19 33.92
C ARG A 385 -5.52 -15.86 34.08
N PHE A 386 -5.11 -15.59 35.31
CA PHE A 386 -3.71 -15.38 35.66
C PHE A 386 -3.38 -16.18 36.91
N GLU A 387 -2.16 -16.71 36.96
CA GLU A 387 -1.69 -17.53 38.07
C GLU A 387 -2.60 -18.73 38.29
N GLY A 388 -3.07 -19.31 37.20
CA GLY A 388 -3.93 -20.49 37.26
C GLY A 388 -5.39 -20.19 37.54
N ARG A 389 -5.67 -19.53 38.66
CA ARG A 389 -7.04 -19.18 39.00
C ARG A 389 -7.59 -18.15 38.02
N TRP A 390 -8.84 -18.34 37.61
CA TRP A 390 -9.50 -17.44 36.66
C TRP A 390 -10.60 -16.67 37.37
N GLN A 391 -10.61 -15.36 37.17
CA GLN A 391 -11.62 -14.47 37.74
C GLN A 391 -12.50 -13.93 36.62
N THR A 392 -13.82 -14.02 36.83
CA THR A 392 -14.78 -13.66 35.81
C THR A 392 -15.49 -12.36 36.17
N LEU A 393 -15.84 -11.58 35.14
CA LEU A 393 -16.55 -10.33 35.30
C LEU A 393 -17.73 -10.30 34.33
N GLY A 394 -18.80 -9.61 34.74
CA GLY A 394 -19.95 -9.46 33.87
C GLY A 394 -20.69 -10.77 33.66
N GLU A 395 -21.33 -10.88 32.50
CA GLU A 395 -22.14 -12.05 32.15
C GLU A 395 -21.21 -13.18 31.72
N VAL A 396 -21.15 -14.23 32.54
CA VAL A 396 -20.28 -15.37 32.26
C VAL A 396 -21.10 -16.66 32.40
N PRO A 397 -20.75 -17.71 31.65
CA PRO A 397 -21.50 -18.97 31.77
C PRO A 397 -21.16 -19.69 33.07
N PRO A 398 -21.88 -20.75 33.40
CA PRO A 398 -21.55 -21.53 34.60
C PRO A 398 -20.13 -22.07 34.54
N ALA A 399 -19.58 -22.36 35.73
CA ALA A 399 -18.17 -22.73 35.85
C ALA A 399 -17.75 -23.89 34.97
N PRO A 400 -18.48 -25.02 34.87
CA PRO A 400 -18.04 -26.08 33.95
C PRO A 400 -17.93 -25.60 32.52
N ALA A 401 -18.84 -24.72 32.08
CA ALA A 401 -18.74 -24.15 30.76
C ALA A 401 -17.49 -23.29 30.64
N VAL A 402 -17.13 -22.57 31.71
CA VAL A 402 -15.91 -21.76 31.69
C VAL A 402 -14.68 -22.63 31.53
N ASP A 403 -14.61 -23.75 32.26
CA ASP A 403 -13.49 -24.66 32.11
C ASP A 403 -13.45 -25.28 30.72
N ALA A 404 -14.60 -25.63 30.17
CA ALA A 404 -14.64 -26.17 28.80
C ALA A 404 -14.13 -25.13 27.80
N LEU A 405 -14.56 -23.88 27.95
CA LEU A 405 -14.08 -22.82 27.06
C LEU A 405 -12.58 -22.61 27.21
N LEU A 406 -12.08 -22.66 28.45
CA LEU A 406 -10.64 -22.49 28.67
C LEU A 406 -9.85 -23.61 28.00
N ALA A 407 -10.32 -24.85 28.14
CA ALA A 407 -9.65 -25.97 27.50
C ALA A 407 -9.67 -25.83 25.98
N TRP A 408 -10.82 -25.44 25.42
CA TRP A 408 -10.91 -25.25 23.98
C TRP A 408 -9.98 -24.15 23.51
N LEU A 409 -9.88 -23.07 24.30
CA LEU A 409 -8.94 -22.00 23.97
C LEU A 409 -7.50 -22.49 24.02
N GLU A 410 -7.17 -23.33 25.00
CA GLU A 410 -5.84 -23.92 25.04
C GLU A 410 -5.56 -24.77 23.81
N THR A 411 -6.60 -25.44 23.29
CA THR A 411 -6.41 -26.21 22.06
C THR A 411 -6.13 -25.32 20.87
N GLN A 412 -6.53 -24.05 20.94
CA GLN A 412 -6.31 -23.14 19.81
C GLN A 412 -4.84 -22.80 19.68
N PRO A 413 -4.23 -22.98 18.51
CA PRO A 413 -2.79 -22.71 18.38
C PRO A 413 -2.46 -21.23 18.31
N GLY A 414 -3.32 -20.44 17.68
CA GLY A 414 -3.01 -19.03 17.49
C GLY A 414 -2.92 -18.28 18.80
N ALA A 415 -2.03 -17.28 18.82
CA ALA A 415 -1.88 -16.45 20.02
C ALA A 415 -3.13 -15.63 20.28
N LEU A 416 -3.71 -15.05 19.24
CA LEU A 416 -4.93 -14.26 19.36
C LEU A 416 -6.06 -14.97 18.64
N VAL A 417 -7.17 -15.17 19.33
CA VAL A 417 -8.36 -15.82 18.78
C VAL A 417 -9.47 -14.78 18.74
N GLN A 418 -9.99 -14.52 17.54
CA GLN A 418 -11.07 -13.57 17.34
C GLN A 418 -12.22 -14.27 16.64
N THR A 419 -13.43 -14.10 17.18
CA THR A 419 -14.61 -14.68 16.55
C THR A 419 -15.84 -13.93 17.03
N ASP A 420 -16.76 -13.65 16.11
CA ASP A 420 -18.07 -13.13 16.45
C ASP A 420 -19.09 -14.24 16.64
N ALA A 421 -18.67 -15.50 16.60
CA ALA A 421 -19.59 -16.63 16.65
C ALA A 421 -18.86 -17.80 17.30
N LEU A 422 -19.15 -18.04 18.58
CA LEU A 422 -18.70 -19.27 19.22
C LEU A 422 -19.62 -20.44 18.94
N GLY A 423 -20.83 -20.17 18.45
CA GLY A 423 -21.75 -21.26 18.15
C GLY A 423 -21.28 -22.16 17.03
N GLN A 424 -20.77 -21.57 15.95
CA GLN A 424 -20.28 -22.37 14.84
C GLN A 424 -18.95 -23.05 15.18
N LEU A 425 -18.02 -22.32 15.77
CA LEU A 425 -16.69 -22.85 16.04
C LEU A 425 -16.71 -23.89 17.15
N TRP A 426 -17.37 -23.60 18.26
CA TRP A 426 -17.46 -24.55 19.36
C TRP A 426 -18.68 -25.45 19.13
N PRO A 427 -18.52 -26.77 19.19
CA PRO A 427 -19.53 -27.67 18.61
C PRO A 427 -20.94 -27.44 19.12
N ALA A 428 -21.10 -27.12 20.39
CA ALA A 428 -22.39 -26.79 20.99
C ALA A 428 -22.35 -25.42 21.65
N GLY A 429 -21.78 -24.45 20.91
CA GLY A 429 -21.62 -23.11 21.42
C GLY A 429 -22.90 -22.31 21.54
N ALA A 430 -24.00 -22.80 20.98
CA ALA A 430 -25.28 -22.10 21.13
C ALA A 430 -25.74 -22.07 22.58
N ASP A 431 -25.26 -23.02 23.40
CA ASP A 431 -25.57 -22.98 24.83
C ASP A 431 -24.96 -21.78 25.52
N LEU A 432 -23.77 -21.37 25.10
CA LEU A 432 -23.14 -20.18 25.66
C LEU A 432 -23.70 -18.89 25.08
N ALA A 433 -24.45 -18.98 23.98
CA ALA A 433 -24.98 -17.78 23.35
C ALA A 433 -25.83 -16.91 24.28
N PRO A 434 -26.69 -17.45 25.15
CA PRO A 434 -27.36 -16.57 26.12
C PRO A 434 -26.39 -15.78 26.99
N SER A 435 -25.22 -16.34 27.28
CA SER A 435 -24.19 -15.64 28.03
C SER A 435 -23.20 -14.93 27.12
N ALA A 436 -22.74 -15.59 26.06
CA ALA A 436 -21.74 -15.02 25.16
C ALA A 436 -21.76 -15.77 23.84
N ALA A 437 -21.98 -15.04 22.74
CA ALA A 437 -21.90 -15.61 21.41
C ALA A 437 -20.59 -15.28 20.70
N GLY A 438 -20.10 -14.05 20.81
CA GLY A 438 -18.84 -13.65 20.23
C GLY A 438 -17.74 -13.67 21.28
N LEU A 439 -16.51 -13.93 20.82
CA LEU A 439 -15.38 -14.07 21.72
C LEU A 439 -14.13 -13.43 21.11
N LEU A 440 -13.42 -12.65 21.91
CA LEU A 440 -12.12 -12.10 21.54
C LEU A 440 -11.17 -12.44 22.67
N ALA A 441 -10.15 -13.26 22.38
CA ALA A 441 -9.23 -13.76 23.39
C ALA A 441 -7.80 -13.43 22.99
N ILE A 442 -7.01 -13.01 23.96
CA ILE A 442 -5.58 -12.77 23.78
C ILE A 442 -4.83 -13.61 24.79
N SER A 443 -3.78 -14.29 24.34
CA SER A 443 -2.99 -15.17 25.18
C SER A 443 -1.73 -14.42 25.63
N VAL A 444 -1.66 -14.11 26.92
CA VAL A 444 -0.46 -13.47 27.46
C VAL A 444 0.68 -14.47 27.43
N GLY A 445 1.82 -14.06 26.87
CA GLY A 445 2.91 -14.99 26.65
C GLY A 445 2.61 -15.94 25.52
N GLU A 446 2.61 -17.24 25.81
CA GLU A 446 2.27 -18.24 24.81
C GLU A 446 1.77 -19.49 25.51
N GLY A 447 1.14 -20.37 24.74
CA GLY A 447 0.59 -21.61 25.26
C GLY A 447 -0.76 -21.49 25.92
N TRP A 448 -1.35 -20.30 25.95
CA TRP A 448 -2.68 -20.05 26.52
C TRP A 448 -2.73 -20.37 28.02
N SER A 449 -1.56 -20.47 28.67
CA SER A 449 -1.55 -20.67 30.12
C SER A 449 -2.14 -19.47 30.85
N GLU A 450 -1.81 -18.27 30.41
CA GLU A 450 -2.35 -17.02 30.96
C GLU A 450 -3.01 -16.27 29.81
N CYS A 451 -4.34 -16.15 29.86
CA CYS A 451 -5.08 -15.59 28.75
C CYS A 451 -6.15 -14.63 29.26
N LEU A 452 -6.52 -13.69 28.40
CA LEU A 452 -7.63 -12.78 28.65
C LEU A 452 -8.75 -13.07 27.66
N VAL A 453 -9.98 -13.11 28.16
CA VAL A 453 -11.14 -13.47 27.35
C VAL A 453 -12.17 -12.35 27.46
N TRP A 454 -12.71 -11.94 26.31
CA TRP A 454 -13.81 -10.99 26.25
C TRP A 454 -15.05 -11.70 25.73
N LEU A 455 -16.16 -11.56 26.44
CA LEU A 455 -17.39 -12.28 26.13
C LEU A 455 -18.46 -11.30 25.67
N ARG A 456 -19.03 -11.57 24.49
CA ARG A 456 -20.04 -10.70 23.91
C ARG A 456 -21.38 -11.42 23.82
N PRO A 457 -22.44 -10.85 24.39
CA PRO A 457 -23.74 -11.53 24.35
C PRO A 457 -24.31 -11.59 22.94
N GLU A 458 -25.19 -12.56 22.74
CA GLU A 458 -25.81 -12.77 21.44
C GLU A 458 -26.73 -11.62 21.08
N LEU A 459 -26.64 -11.15 19.84
CA LEU A 459 -27.57 -10.17 19.29
C LEU A 459 -28.23 -10.77 18.06
N ARG A 460 -29.56 -10.78 18.04
CA ARG A 460 -30.30 -11.35 16.93
C ARG A 460 -30.30 -10.37 15.77
N LEU A 461 -29.43 -10.60 14.80
CA LEU A 461 -29.28 -9.75 13.63
C LEU A 461 -29.53 -10.57 12.37
N GLU A 462 -30.17 -9.94 11.38
CA GLU A 462 -30.48 -10.60 10.11
C GLU A 462 -29.86 -9.80 8.97
N VAL A 463 -29.16 -10.50 8.08
CA VAL A 463 -28.55 -9.91 6.89
C VAL A 463 -29.11 -10.64 5.68
N ALA A 464 -29.57 -9.88 4.69
CA ALA A 464 -30.21 -10.46 3.52
C ALA A 464 -29.19 -11.20 2.66
N TRP A 465 -29.52 -12.43 2.29
CA TRP A 465 -28.71 -13.23 1.37
C TRP A 465 -29.41 -13.29 0.02
N GLY A 466 -28.67 -13.01 -1.04
CA GLY A 466 -29.23 -13.05 -2.38
C GLY A 466 -29.65 -14.45 -2.79
N GLY A 467 -30.96 -14.67 -2.89
CA GLY A 467 -31.48 -15.97 -3.26
C GLY A 467 -31.31 -17.02 -2.17
N PRO A 479 -27.67 -23.50 -11.44
CA PRO A 479 -27.61 -22.22 -10.72
C PRO A 479 -28.97 -21.77 -10.21
N ARG A 480 -28.98 -20.92 -9.18
CA ARG A 480 -30.22 -20.44 -8.61
C ARG A 480 -30.89 -19.43 -9.53
N HIS A 481 -32.20 -19.27 -9.35
CA HIS A 481 -33.00 -18.34 -10.13
C HIS A 481 -33.58 -17.20 -9.33
N SER A 482 -33.45 -17.22 -8.00
CA SER A 482 -33.99 -16.17 -7.15
C SER A 482 -32.91 -15.13 -6.88
N PHE A 483 -33.22 -13.86 -7.17
CA PHE A 483 -32.29 -12.75 -6.98
C PHE A 483 -33.06 -11.58 -6.35
N ASP A 484 -33.90 -11.89 -5.38
CA ASP A 484 -34.71 -10.89 -4.69
C ASP A 484 -34.27 -10.80 -3.24
N THR A 485 -34.97 -10.00 -2.46
CA THR A 485 -34.65 -9.83 -1.05
C THR A 485 -34.98 -11.12 -0.30
N TYR A 486 -34.03 -11.60 0.50
CA TYR A 486 -34.20 -12.84 1.26
C TYR A 486 -33.39 -12.72 2.56
N LEU A 487 -34.08 -12.37 3.65
CA LEU A 487 -33.44 -12.26 4.94
C LEU A 487 -33.61 -13.58 5.71
N GLU A 488 -32.49 -14.11 6.20
CA GLU A 488 -32.47 -15.35 6.94
C GLU A 488 -32.29 -15.02 8.42
N GLU A 489 -33.18 -15.55 9.27
CA GLU A 489 -33.02 -15.37 10.70
C GLU A 489 -31.74 -16.08 11.14
N LYS A 490 -30.82 -15.31 11.69
CA LYS A 490 -29.43 -15.73 11.84
C LYS A 490 -29.09 -15.98 13.30
N ARG A 491 -28.55 -17.16 13.56
CA ARG A 491 -28.48 -17.71 14.91
C ARG A 491 -27.13 -17.48 15.56
N GLY A 492 -27.14 -16.94 16.77
CA GLY A 492 -26.02 -17.01 17.68
C GLY A 492 -24.72 -16.33 17.27
N TYR A 493 -24.81 -15.13 16.69
CA TYR A 493 -23.62 -14.31 16.55
C TYR A 493 -23.79 -13.06 17.39
N ALA A 494 -22.67 -12.39 17.67
CA ALA A 494 -22.64 -11.14 18.40
C ALA A 494 -22.28 -10.01 17.45
N GLU A 495 -22.13 -8.82 18.01
CA GLU A 495 -21.72 -7.67 17.21
C GLU A 495 -20.32 -7.92 16.64
N PRO A 496 -20.11 -7.72 15.35
CA PRO A 496 -18.78 -7.98 14.77
C PRO A 496 -17.72 -7.12 15.42
N TRP A 497 -16.54 -7.69 15.60
CA TRP A 497 -15.44 -7.00 16.25
C TRP A 497 -14.84 -5.97 15.29
N HIS A 498 -14.83 -4.71 15.73
CA HIS A 498 -14.26 -3.66 14.91
C HIS A 498 -12.75 -3.86 14.80
N PRO A 499 -12.14 -3.52 13.67
CA PRO A 499 -10.66 -3.64 13.57
C PRO A 499 -9.93 -2.84 14.63
N GLY A 500 -10.49 -1.70 15.05
CA GLY A 500 -9.89 -0.97 16.15
C GLY A 500 -9.86 -1.77 17.44
N GLU A 501 -10.93 -2.53 17.71
CA GLU A 501 -10.97 -3.39 18.88
C GLU A 501 -9.89 -4.47 18.80
N ILE A 502 -9.70 -5.05 17.61
CA ILE A 502 -8.68 -6.08 17.45
C ILE A 502 -7.29 -5.48 17.63
N GLU A 503 -7.05 -4.29 17.10
CA GLU A 503 -5.75 -3.63 17.30
C GLU A 503 -5.52 -3.33 18.77
N GLU A 504 -6.56 -2.88 19.48
CA GLU A 504 -6.44 -2.64 20.91
C GLU A 504 -6.13 -3.92 21.67
N ALA A 505 -6.77 -5.03 21.29
CA ALA A 505 -6.48 -6.30 21.92
C ALA A 505 -5.04 -6.73 21.67
N GLN A 506 -4.54 -6.52 20.45
CA GLN A 506 -3.15 -6.86 20.16
C GLN A 506 -2.20 -6.02 20.99
N ASP A 507 -2.48 -4.71 21.11
CA ASP A 507 -1.62 -3.85 21.92
C ASP A 507 -1.65 -4.25 23.39
N LEU A 508 -2.83 -4.59 23.92
CA LEU A 508 -2.93 -5.02 25.31
C LEU A 508 -2.18 -6.33 25.53
N ARG A 509 -2.29 -7.26 24.59
CA ARG A 509 -1.54 -8.51 24.71
C ARG A 509 -0.05 -8.26 24.68
N ASP A 510 0.41 -7.36 23.79
CA ASP A 510 1.82 -7.05 23.71
C ASP A 510 2.33 -6.42 25.01
N THR A 511 1.58 -5.48 25.58
CA THR A 511 2.04 -4.85 26.81
C THR A 511 1.98 -5.79 27.99
N LEU A 512 1.00 -6.70 28.03
CA LEU A 512 0.95 -7.69 29.10
C LEU A 512 2.10 -8.68 28.98
N THR A 513 2.42 -9.10 27.75
CA THR A 513 3.57 -9.99 27.56
C THR A 513 4.87 -9.28 27.88
N GLY A 514 4.94 -7.96 27.67
CA GLY A 514 6.10 -7.21 28.12
C GLY A 514 6.22 -7.17 29.63
N ALA A 515 5.10 -6.92 30.33
CA ALA A 515 5.11 -6.95 31.78
C ALA A 515 5.37 -8.35 32.33
N LEU A 516 5.14 -9.37 31.51
CA LEU A 516 5.49 -10.73 31.90
C LEU A 516 6.96 -10.86 32.25
N GLY A 517 7.82 -10.09 31.58
CA GLY A 517 9.24 -10.12 31.90
C GLY A 517 9.54 -9.63 33.31
N GLU A 518 8.93 -8.49 33.69
CA GLU A 518 9.10 -8.00 35.06
C GLU A 518 8.49 -8.96 36.07
N ARG A 519 7.36 -9.57 35.72
CA ARG A 519 6.76 -10.59 36.59
C ARG A 519 7.74 -11.73 36.85
N LEU A 520 8.34 -12.26 35.79
CA LEU A 520 9.29 -13.36 35.97
C LEU A 520 10.54 -12.90 36.70
N SER A 521 10.98 -11.66 36.47
CA SER A 521 12.15 -11.15 37.17
C SER A 521 11.92 -11.10 38.68
N VAL A 522 10.78 -10.55 39.09
CA VAL A 522 10.52 -10.44 40.52
C VAL A 522 10.27 -11.82 41.13
N ILE A 523 9.60 -12.72 40.40
CA ILE A 523 9.37 -14.04 40.96
C ILE A 523 10.66 -14.85 41.03
N ARG A 524 11.60 -14.59 40.11
CA ARG A 524 12.91 -15.24 40.18
C ARG A 524 13.73 -14.70 41.34
N ASP A 525 13.62 -13.39 41.61
CA ASP A 525 14.25 -12.84 42.80
C ASP A 525 13.68 -13.48 44.06
N LEU A 526 12.37 -13.67 44.11
CA LEU A 526 11.76 -14.34 45.25
C LEU A 526 12.23 -15.79 45.37
N ASN A 527 12.31 -16.50 44.24
CA ASN A 527 12.83 -17.87 44.24
C ASN A 527 14.23 -17.92 44.81
N ARG A 528 15.13 -17.06 44.33
CA ARG A 528 16.51 -17.08 44.81
C ARG A 528 16.58 -16.73 46.29
N ALA A 529 15.84 -15.70 46.71
CA ALA A 529 15.93 -15.25 48.09
C ALA A 529 15.34 -16.28 49.06
N LEU A 530 14.36 -17.05 48.61
CA LEU A 530 13.74 -18.02 49.51
C LEU A 530 14.44 -19.37 49.44
N THR A 531 15.15 -19.66 48.34
CA THR A 531 15.98 -20.85 48.29
C THR A 531 17.27 -20.66 49.08
N GLN A 532 17.82 -19.45 49.07
CA GLN A 532 19.03 -19.16 49.84
C GLN A 532 19.14 -17.68 50.14
N PHE B 22 8.19 28.82 11.17
CA PHE B 22 8.11 29.24 12.57
C PHE B 22 8.26 30.76 12.67
N PHE B 23 8.38 31.41 11.51
CA PHE B 23 8.65 32.83 11.44
C PHE B 23 7.69 33.50 10.46
N PRO B 24 7.47 34.80 10.61
CA PRO B 24 6.63 35.52 9.64
C PRO B 24 7.24 35.48 8.25
N PRO B 25 6.45 35.76 7.21
CA PRO B 25 6.98 35.65 5.85
C PRO B 25 8.07 36.66 5.58
N LEU B 26 8.88 36.34 4.56
CA LEU B 26 10.06 37.15 4.25
C LEU B 26 9.69 38.56 3.85
N TYR B 27 8.65 38.71 3.03
CA TYR B 27 8.29 40.03 2.52
C TYR B 27 7.59 40.89 3.57
N LEU B 28 7.15 40.30 4.68
CA LEU B 28 6.41 41.06 5.68
C LEU B 28 6.89 40.72 7.09
N GLY B 29 8.19 40.78 7.32
CA GLY B 29 8.75 40.61 8.65
C GLY B 29 9.46 39.30 8.89
N GLY B 30 10.16 38.78 7.89
CA GLY B 30 10.90 37.55 8.05
C GLY B 30 12.37 37.81 8.32
N PRO B 31 12.97 36.97 9.16
CA PRO B 31 14.41 37.14 9.45
C PRO B 31 15.25 36.84 8.23
N GLU B 32 16.46 37.43 8.22
CA GLU B 32 17.37 37.23 7.11
C GLU B 32 17.74 35.76 6.97
N ILE B 33 17.70 35.25 5.74
CA ILE B 33 17.89 33.84 5.48
C ILE B 33 19.37 33.51 5.45
N THR B 34 19.80 32.67 6.39
CA THR B 34 21.16 32.16 6.42
C THR B 34 21.14 30.65 6.19
N THR B 35 22.34 30.06 6.15
CA THR B 35 22.44 28.62 5.96
C THR B 35 21.84 27.86 7.14
N GLU B 36 22.06 28.36 8.36
CA GLU B 36 21.57 27.65 9.54
C GLU B 36 20.05 27.70 9.64
N ASN B 37 19.46 28.88 9.44
CA ASN B 37 18.03 29.06 9.63
C ASN B 37 17.22 28.85 8.34
N CYS B 38 17.73 28.05 7.40
CA CYS B 38 16.96 27.76 6.21
C CYS B 38 15.70 26.95 6.52
N GLU B 39 15.66 26.29 7.67
CA GLU B 39 14.47 25.56 8.09
C GLU B 39 13.39 26.48 8.65
N ARG B 40 13.72 27.74 8.92
CA ARG B 40 12.74 28.70 9.43
C ARG B 40 12.10 29.55 8.34
N GLU B 41 12.57 29.44 7.10
CA GLU B 41 11.97 30.21 6.02
C GLU B 41 10.65 29.57 5.59
N PRO B 42 9.55 30.31 5.63
CA PRO B 42 8.26 29.73 5.20
C PRO B 42 8.15 29.68 3.69
N ILE B 43 8.25 28.46 3.14
CA ILE B 43 8.19 28.29 1.69
C ILE B 43 6.76 28.18 1.21
N HIS B 44 5.83 27.75 2.07
CA HIS B 44 4.44 27.62 1.66
C HIS B 44 3.76 28.97 1.46
N ILE B 45 4.35 30.04 1.98
CA ILE B 45 3.77 31.38 1.86
C ILE B 45 4.81 32.37 1.33
N PRO B 46 5.31 32.18 0.11
CA PRO B 46 6.36 33.08 -0.40
C PRO B 46 5.81 34.41 -0.88
N GLY B 47 4.52 34.45 -1.21
CA GLY B 47 3.92 35.66 -1.73
C GLY B 47 4.28 35.98 -3.17
N SER B 48 4.71 34.99 -3.95
CA SER B 48 5.05 35.20 -5.34
C SER B 48 4.78 33.90 -6.11
N ILE B 49 4.64 34.05 -7.43
CA ILE B 49 4.36 32.91 -8.30
C ILE B 49 5.29 32.97 -9.51
N GLN B 50 5.41 31.83 -10.19
CA GLN B 50 6.20 31.77 -11.40
C GLN B 50 5.54 32.57 -12.52
N PRO B 51 6.32 33.13 -13.44
CA PRO B 51 5.76 33.96 -14.50
C PRO B 51 5.20 33.19 -15.70
N HIS B 52 5.13 31.86 -15.63
CA HIS B 52 4.61 31.07 -16.73
C HIS B 52 3.10 30.89 -16.68
N GLY B 53 2.44 31.48 -15.69
CA GLY B 53 1.00 31.39 -15.60
C GLY B 53 0.45 32.49 -14.71
N ALA B 54 -0.87 32.52 -14.58
CA ALA B 54 -1.57 33.53 -13.80
C ALA B 54 -2.32 32.87 -12.65
N LEU B 55 -2.41 33.61 -11.54
CA LEU B 55 -3.07 33.12 -10.33
C LEU B 55 -4.14 34.11 -9.92
N LEU B 56 -5.34 33.58 -9.63
CA LEU B 56 -6.45 34.37 -9.12
C LEU B 56 -6.95 33.74 -7.82
N THR B 57 -7.28 34.60 -6.86
CA THR B 57 -7.79 34.17 -5.56
C THR B 57 -9.13 34.81 -5.32
N ALA B 58 -10.15 33.99 -5.08
CA ALA B 58 -11.52 34.45 -4.88
C ALA B 58 -12.16 33.71 -3.73
N ASP B 59 -13.16 34.35 -3.13
CA ASP B 59 -13.90 33.71 -2.04
C ASP B 59 -14.74 32.55 -2.57
N GLY B 60 -14.77 31.46 -1.81
CA GLY B 60 -15.53 30.30 -2.23
C GLY B 60 -17.03 30.46 -2.06
N HIS B 61 -17.45 31.49 -1.32
CA HIS B 61 -18.87 31.71 -1.09
C HIS B 61 -19.39 32.97 -1.79
N SER B 62 -18.52 33.92 -2.11
CA SER B 62 -18.96 35.16 -2.75
C SER B 62 -18.79 35.12 -4.26
N GLY B 63 -17.67 34.59 -4.75
CA GLY B 63 -17.41 34.57 -6.17
C GLY B 63 -16.67 35.77 -6.71
N GLU B 64 -16.14 36.62 -5.83
CA GLU B 64 -15.41 37.82 -6.24
C GLU B 64 -13.92 37.61 -5.98
N VAL B 65 -13.10 37.95 -6.97
CA VAL B 65 -11.66 37.79 -6.84
C VAL B 65 -11.13 38.75 -5.79
N LEU B 66 -10.33 38.23 -4.86
CA LEU B 66 -9.74 39.03 -3.79
C LEU B 66 -8.27 39.34 -4.03
N GLN B 67 -7.51 38.35 -4.49
CA GLN B 67 -6.08 38.53 -4.75
C GLN B 67 -5.77 38.09 -6.17
N MET B 68 -4.84 38.79 -6.79
CA MET B 68 -4.46 38.51 -8.17
C MET B 68 -2.96 38.73 -8.34
N SER B 69 -2.41 38.16 -9.40
CA SER B 69 -1.00 38.33 -9.72
C SER B 69 -0.82 39.49 -10.69
N LEU B 70 0.40 40.03 -10.72
CA LEU B 70 0.71 41.12 -11.62
C LEU B 70 0.62 40.70 -13.09
N ASN B 71 0.98 39.46 -13.38
CA ASN B 71 0.92 38.93 -14.74
C ASN B 71 -0.48 38.47 -15.13
N ALA B 72 -1.43 38.46 -14.19
CA ALA B 72 -2.77 37.98 -14.50
C ALA B 72 -3.45 38.85 -15.55
N ALA B 73 -3.26 40.17 -15.48
CA ALA B 73 -3.88 41.06 -16.45
C ALA B 73 -3.38 40.79 -17.86
N THR B 74 -2.08 40.57 -18.03
CA THR B 74 -1.54 40.25 -19.34
C THR B 74 -1.99 38.86 -19.81
N PHE B 75 -2.02 37.89 -18.90
CA PHE B 75 -2.39 36.53 -19.26
C PHE B 75 -3.83 36.45 -19.72
N LEU B 76 -4.75 37.07 -18.97
CA LEU B 76 -6.16 37.01 -19.32
C LEU B 76 -6.54 38.02 -20.39
N GLY B 77 -5.67 38.99 -20.70
CA GLY B 77 -5.97 39.98 -21.70
C GLY B 77 -6.83 41.13 -21.23
N GLN B 78 -7.22 41.14 -19.96
CA GLN B 78 -8.06 42.20 -19.42
C GLN B 78 -7.22 43.20 -18.62
N GLU B 79 -7.68 44.43 -18.57
CA GLU B 79 -6.98 45.46 -17.81
C GLU B 79 -7.09 45.17 -16.32
N PRO B 80 -6.10 45.58 -15.52
CA PRO B 80 -6.18 45.31 -14.07
C PRO B 80 -7.38 45.96 -13.41
N THR B 81 -7.82 47.13 -13.89
CA THR B 81 -9.02 47.75 -13.35
C THR B 81 -10.24 46.89 -13.62
N VAL B 82 -10.34 46.33 -14.83
CA VAL B 82 -11.46 45.45 -15.15
C VAL B 82 -11.39 44.16 -14.34
N LEU B 83 -10.18 43.66 -14.08
CA LEU B 83 -10.03 42.42 -13.32
C LEU B 83 -10.57 42.56 -11.91
N ARG B 84 -10.38 43.72 -11.28
CA ARG B 84 -10.84 43.92 -9.92
C ARG B 84 -12.36 43.90 -9.87
N GLY B 85 -12.92 43.11 -8.96
CA GLY B 85 -14.35 43.04 -8.80
C GLY B 85 -15.08 42.19 -9.81
N GLN B 86 -14.37 41.53 -10.71
CA GLN B 86 -15.01 40.69 -11.73
C GLN B 86 -15.48 39.40 -11.08
N THR B 87 -16.80 39.18 -11.09
CA THR B 87 -17.37 38.00 -10.46
C THR B 87 -16.95 36.74 -11.21
N LEU B 88 -16.76 35.66 -10.46
CA LEU B 88 -16.35 34.39 -11.07
C LEU B 88 -17.46 33.80 -11.93
N ALA B 89 -18.72 34.13 -11.64
CA ALA B 89 -19.82 33.64 -12.47
C ALA B 89 -19.70 34.16 -13.89
N ALA B 90 -19.41 35.45 -14.05
CA ALA B 90 -19.17 35.99 -15.38
C ALA B 90 -17.79 35.60 -15.88
N LEU B 91 -16.80 35.51 -14.98
CA LEU B 91 -15.46 35.12 -15.38
C LEU B 91 -15.45 33.68 -15.89
N LEU B 92 -16.19 32.78 -15.21
CA LEU B 92 -16.31 31.39 -15.62
C LEU B 92 -17.77 31.12 -15.97
N PRO B 93 -18.15 31.21 -17.25
CA PRO B 93 -19.57 31.05 -17.61
C PRO B 93 -20.14 29.68 -17.25
N GLU B 94 -19.34 28.62 -17.34
CA GLU B 94 -19.82 27.27 -17.12
C GLU B 94 -19.08 26.51 -16.04
N GLN B 95 -17.86 26.92 -15.68
CA GLN B 95 -17.09 26.18 -14.69
C GLN B 95 -17.53 26.47 -13.26
N TRP B 96 -18.27 27.55 -13.04
CA TRP B 96 -18.67 27.90 -11.68
C TRP B 96 -19.55 26.84 -11.02
N PRO B 97 -20.64 26.35 -11.64
CA PRO B 97 -21.40 25.27 -11.00
C PRO B 97 -20.56 24.03 -10.74
N ALA B 98 -19.68 23.68 -11.67
CA ALA B 98 -18.77 22.57 -11.43
C ALA B 98 -17.79 22.88 -10.32
N LEU B 99 -17.34 24.14 -10.21
CA LEU B 99 -16.47 24.53 -9.12
C LEU B 99 -17.15 24.32 -7.77
N GLN B 100 -18.42 24.72 -7.66
CA GLN B 100 -19.12 24.54 -6.39
C GLN B 100 -19.41 23.06 -6.12
N ALA B 101 -19.81 22.31 -7.15
CA ALA B 101 -20.17 20.91 -6.95
C ALA B 101 -18.96 20.07 -6.57
N ALA B 102 -17.83 20.28 -7.24
CA ALA B 102 -16.65 19.45 -7.01
C ALA B 102 -15.84 19.90 -5.81
N LEU B 103 -16.07 21.10 -5.29
CA LEU B 103 -15.32 21.64 -4.16
C LEU B 103 -16.28 22.19 -3.11
N PRO B 104 -16.91 21.31 -2.32
CA PRO B 104 -17.72 21.80 -1.20
C PRO B 104 -16.83 22.44 -0.15
N PRO B 105 -17.37 23.36 0.64
CA PRO B 105 -16.55 23.98 1.69
C PRO B 105 -16.07 22.96 2.71
N GLY B 106 -14.87 23.20 3.24
CA GLY B 106 -14.31 22.34 4.27
C GLY B 106 -13.52 21.15 3.77
N CYS B 107 -13.36 21.00 2.46
CA CYS B 107 -12.58 19.90 1.93
C CYS B 107 -11.09 20.11 2.20
N PRO B 108 -10.30 19.02 2.27
CA PRO B 108 -8.87 19.17 2.50
C PRO B 108 -8.19 19.91 1.36
N ASP B 109 -7.05 20.54 1.69
CA ASP B 109 -6.31 21.32 0.71
C ASP B 109 -5.74 20.47 -0.42
N ALA B 110 -5.69 19.15 -0.25
CA ALA B 110 -5.16 18.28 -1.30
C ALA B 110 -6.15 18.04 -2.43
N LEU B 111 -7.39 18.50 -2.29
CA LEU B 111 -8.40 18.32 -3.32
C LEU B 111 -8.22 19.39 -4.39
N GLN B 112 -7.83 18.95 -5.59
CA GLN B 112 -7.65 19.85 -6.72
C GLN B 112 -8.65 19.49 -7.82
N TYR B 113 -9.22 20.51 -8.45
CA TYR B 113 -10.16 20.33 -9.55
C TYR B 113 -9.55 20.96 -10.80
N ARG B 114 -9.23 20.13 -11.79
CA ARG B 114 -8.63 20.58 -13.03
C ARG B 114 -9.67 20.54 -14.14
N ALA B 115 -9.89 21.68 -14.79
CA ALA B 115 -10.83 21.77 -15.90
C ALA B 115 -10.18 22.54 -17.04
N THR B 116 -10.51 22.16 -18.27
CA THR B 116 -9.99 22.81 -19.46
C THR B 116 -10.96 23.89 -19.89
N LEU B 117 -10.65 25.14 -19.54
CA LEU B 117 -11.47 26.28 -19.88
C LEU B 117 -10.94 26.90 -21.17
N ASP B 118 -11.78 26.97 -22.19
CA ASP B 118 -11.38 27.49 -23.50
C ASP B 118 -11.50 29.01 -23.52
N TRP B 119 -10.46 29.66 -23.01
CA TRP B 119 -10.42 31.11 -23.02
C TRP B 119 -10.23 31.61 -24.45
N PRO B 120 -11.10 32.51 -24.93
CA PRO B 120 -10.97 32.98 -26.32
C PRO B 120 -9.64 33.66 -26.62
N ALA B 121 -9.07 34.37 -25.64
CA ALA B 121 -7.81 35.08 -25.88
C ALA B 121 -6.66 34.11 -26.10
N ALA B 122 -6.61 33.02 -25.32
CA ALA B 122 -5.51 32.07 -25.40
C ALA B 122 -5.90 30.77 -26.10
N GLY B 123 -7.15 30.64 -26.54
CA GLY B 123 -7.57 29.41 -27.19
C GLY B 123 -7.99 28.37 -26.18
N HIS B 124 -7.10 27.41 -25.91
CA HIS B 124 -7.33 26.41 -24.88
C HIS B 124 -6.45 26.74 -23.68
N LEU B 125 -7.06 26.83 -22.51
CA LEU B 125 -6.36 27.20 -21.28
C LEU B 125 -6.62 26.17 -20.19
N SER B 126 -5.64 25.99 -19.32
CA SER B 126 -5.72 25.03 -18.23
C SER B 126 -6.13 25.74 -16.95
N LEU B 127 -7.11 25.18 -16.25
CA LEU B 127 -7.61 25.73 -15.00
C LEU B 127 -7.55 24.67 -13.92
N THR B 128 -6.91 25.01 -12.80
CA THR B 128 -6.79 24.10 -11.66
C THR B 128 -7.09 24.88 -10.39
N VAL B 129 -7.97 24.32 -9.55
CA VAL B 129 -8.45 25.00 -8.36
C VAL B 129 -8.32 24.06 -7.17
N HIS B 130 -7.76 24.57 -6.08
CA HIS B 130 -7.75 23.88 -4.80
C HIS B 130 -8.13 24.86 -3.71
N ARG B 131 -8.94 24.40 -2.75
CA ARG B 131 -9.54 25.27 -1.75
C ARG B 131 -8.78 25.15 -0.43
N VAL B 132 -8.35 26.30 0.11
CA VAL B 132 -7.73 26.38 1.42
C VAL B 132 -8.61 27.29 2.28
N GLY B 133 -9.21 26.71 3.32
CA GLY B 133 -10.11 27.49 4.15
C GLY B 133 -11.30 27.99 3.36
N GLU B 134 -11.59 29.28 3.50
CA GLU B 134 -12.70 29.90 2.79
C GLU B 134 -12.29 30.53 1.47
N LEU B 135 -11.03 30.37 1.06
CA LEU B 135 -10.53 31.00 -0.15
C LEU B 135 -10.37 29.97 -1.26
N LEU B 136 -10.73 30.38 -2.48
CA LEU B 136 -10.59 29.56 -3.67
C LEU B 136 -9.41 30.09 -4.47
N ILE B 137 -8.42 29.23 -4.69
CA ILE B 137 -7.20 29.60 -5.41
C ILE B 137 -7.31 29.07 -6.83
N LEU B 138 -7.25 29.96 -7.82
CA LEU B 138 -7.32 29.59 -9.22
C LEU B 138 -5.94 29.61 -9.83
N GLU B 139 -5.55 28.51 -10.47
CA GLU B 139 -4.27 28.38 -11.14
C GLU B 139 -4.52 28.29 -12.64
N PHE B 140 -3.90 29.20 -13.40
CA PHE B 140 -4.08 29.27 -14.84
C PHE B 140 -2.76 28.97 -15.53
N GLU B 141 -2.78 27.99 -16.42
CA GLU B 141 -1.61 27.58 -17.18
C GLU B 141 -1.97 27.44 -18.64
N PRO B 142 -1.02 27.71 -19.55
CA PRO B 142 -1.28 27.45 -20.97
C PRO B 142 -1.37 25.95 -21.25
N THR B 143 -2.11 25.62 -22.30
CA THR B 143 -2.26 24.23 -22.72
C THR B 143 -2.63 24.20 -24.19
N GLU B 144 -2.49 23.02 -24.79
CA GLU B 144 -2.77 22.84 -26.21
C GLU B 144 -3.80 21.74 -26.42
N HIS B 152 -0.07 6.51 -25.07
CA HIS B 152 -0.50 5.11 -25.06
C HIS B 152 0.54 4.25 -24.36
N ALA B 153 1.78 4.73 -24.32
CA ALA B 153 2.86 3.99 -23.68
C ALA B 153 2.75 3.97 -22.16
N LEU B 154 1.82 4.73 -21.59
CA LEU B 154 1.68 4.75 -20.13
C LEU B 154 1.23 3.40 -19.59
N ARG B 155 0.40 2.68 -20.34
CA ARG B 155 -0.04 1.36 -19.88
C ARG B 155 1.09 0.34 -19.95
N ASN B 156 1.94 0.44 -20.98
CA ASN B 156 3.11 -0.45 -21.06
C ASN B 156 4.03 -0.24 -19.85
N ALA B 157 4.26 1.02 -19.47
CA ALA B 157 5.05 1.30 -18.27
C ALA B 157 4.31 0.84 -17.02
N MET B 158 2.98 0.99 -17.00
CA MET B 158 2.17 0.49 -15.89
C MET B 158 2.44 -0.98 -15.63
N PHE B 159 2.46 -1.78 -16.70
CA PHE B 159 2.71 -3.20 -16.54
C PHE B 159 4.20 -3.49 -16.30
N ALA B 160 5.09 -2.68 -16.87
CA ALA B 160 6.52 -2.89 -16.67
C ALA B 160 6.93 -2.69 -15.21
N LEU B 161 6.37 -1.66 -14.56
CA LEU B 161 6.71 -1.40 -13.17
C LEU B 161 6.26 -2.54 -12.27
N GLU B 162 5.08 -3.11 -12.54
CA GLU B 162 4.56 -4.20 -11.74
C GLU B 162 5.31 -5.51 -11.93
N SER B 163 6.12 -5.63 -12.98
CA SER B 163 6.86 -6.85 -13.27
C SER B 163 8.33 -6.76 -12.89
N ALA B 164 8.72 -5.75 -12.13
CA ALA B 164 10.11 -5.61 -11.73
C ALA B 164 10.47 -6.69 -10.71
N PRO B 165 11.52 -7.48 -10.97
CA PRO B 165 11.88 -8.54 -10.02
C PRO B 165 12.25 -8.03 -8.63
N ASN B 166 12.88 -6.85 -8.55
CA ASN B 166 13.34 -6.31 -7.28
C ASN B 166 13.20 -4.79 -7.31
N LEU B 167 13.39 -4.17 -6.14
CA LEU B 167 13.27 -2.72 -6.03
C LEU B 167 14.30 -2.03 -6.91
N ARG B 168 15.55 -2.50 -6.89
CA ARG B 168 16.58 -1.87 -7.70
C ARG B 168 16.26 -1.97 -9.18
N ALA B 169 15.69 -3.10 -9.61
CA ALA B 169 15.30 -3.24 -11.02
C ALA B 169 14.19 -2.26 -11.39
N LEU B 170 13.30 -1.96 -10.44
CA LEU B 170 12.20 -1.04 -10.70
C LEU B 170 12.70 0.39 -10.91
N ALA B 171 13.82 0.74 -10.27
CA ALA B 171 14.27 2.12 -10.27
C ALA B 171 14.68 2.60 -11.66
N GLU B 172 15.53 1.81 -12.35
CA GLU B 172 15.94 2.22 -13.69
C GLU B 172 14.76 2.22 -14.66
N VAL B 173 13.85 1.26 -14.52
CA VAL B 173 12.67 1.23 -15.38
C VAL B 173 11.85 2.49 -15.20
N ALA B 174 11.59 2.88 -13.95
CA ALA B 174 10.80 4.07 -13.69
C ALA B 174 11.49 5.32 -14.21
N THR B 175 12.80 5.44 -13.96
CA THR B 175 13.52 6.63 -14.42
C THR B 175 13.54 6.72 -15.94
N GLN B 176 13.76 5.57 -16.61
CA GLN B 176 13.75 5.58 -18.07
C GLN B 176 12.38 5.93 -18.62
N THR B 177 11.32 5.41 -17.99
CA THR B 177 9.97 5.76 -18.43
C THR B 177 9.71 7.26 -18.26
N VAL B 178 10.12 7.83 -17.13
CA VAL B 178 9.93 9.26 -16.91
C VAL B 178 10.71 10.07 -17.94
N ARG B 179 11.95 9.66 -18.23
CA ARG B 179 12.75 10.36 -19.23
C ARG B 179 12.11 10.28 -20.61
N GLU B 180 11.59 9.11 -20.97
CA GLU B 180 10.93 8.96 -22.27
C GLU B 180 9.69 9.84 -22.35
N LEU B 181 8.91 9.91 -21.27
CA LEU B 181 7.69 10.71 -21.28
C LEU B 181 8.01 12.20 -21.37
N THR B 182 8.91 12.68 -20.51
CA THR B 182 9.17 14.11 -20.41
C THR B 182 10.29 14.59 -21.33
N GLY B 183 11.39 13.84 -21.41
CA GLY B 183 12.55 14.30 -22.14
C GLY B 183 13.53 15.10 -21.33
N PHE B 184 13.45 15.03 -20.00
CA PHE B 184 14.36 15.78 -19.15
C PHE B 184 15.79 15.25 -19.29
N ASP B 185 16.75 16.15 -19.03
CA ASP B 185 18.17 15.80 -19.16
C ASP B 185 18.57 14.75 -18.14
N ARG B 186 18.39 15.04 -16.85
CA ARG B 186 18.80 14.15 -15.78
C ARG B 186 17.57 13.77 -14.97
N VAL B 187 16.98 12.62 -15.30
CA VAL B 187 15.87 12.07 -14.52
C VAL B 187 16.47 11.19 -13.43
N MET B 188 16.37 11.64 -12.18
CA MET B 188 16.98 10.97 -11.05
C MET B 188 15.91 10.50 -10.07
N LEU B 189 16.09 9.29 -9.55
CA LEU B 189 15.23 8.76 -8.50
C LEU B 189 15.93 9.00 -7.17
N TYR B 190 15.26 9.72 -6.27
CA TYR B 190 15.82 10.10 -4.99
C TYR B 190 15.20 9.25 -3.90
N LYS B 191 16.04 8.67 -3.04
CA LYS B 191 15.59 7.82 -1.95
C LYS B 191 16.10 8.37 -0.63
N PHE B 192 15.23 8.39 0.37
CA PHE B 192 15.55 8.93 1.69
C PHE B 192 15.76 7.79 2.68
N ALA B 193 16.90 7.81 3.35
CA ALA B 193 17.15 6.87 4.43
C ALA B 193 16.36 7.28 5.68
N PRO B 194 16.15 6.34 6.61
CA PRO B 194 15.39 6.69 7.83
C PRO B 194 16.00 7.81 8.64
N ASP B 195 17.31 8.05 8.54
CA ASP B 195 17.97 9.11 9.28
C ASP B 195 17.93 10.45 8.53
N ALA B 196 16.94 10.63 7.64
CA ALA B 196 16.75 11.88 6.90
C ALA B 196 17.94 12.20 6.00
N THR B 197 18.62 11.17 5.50
CA THR B 197 19.69 11.33 4.54
C THR B 197 19.26 10.72 3.21
N GLY B 198 19.56 11.41 2.12
CA GLY B 198 19.11 11.01 0.80
C GLY B 198 20.22 10.39 -0.02
N GLU B 199 19.87 9.32 -0.74
CA GLU B 199 20.80 8.63 -1.62
C GLU B 199 20.12 8.41 -2.97
N VAL B 200 20.92 8.46 -4.04
CA VAL B 200 20.42 8.29 -5.40
C VAL B 200 20.53 6.81 -5.75
N ILE B 201 19.40 6.21 -6.17
CA ILE B 201 19.40 4.80 -6.52
C ILE B 201 19.23 4.57 -8.02
N ALA B 202 18.91 5.61 -8.79
CA ALA B 202 18.79 5.47 -10.24
C ALA B 202 18.98 6.84 -10.88
N GLU B 203 19.28 6.83 -12.17
CA GLU B 203 19.47 8.08 -12.91
C GLU B 203 19.32 7.80 -14.40
N ALA B 204 18.31 8.39 -15.01
CA ALA B 204 18.14 8.38 -16.46
C ALA B 204 18.71 9.69 -17.00
N ARG B 205 19.88 9.60 -17.62
CA ARG B 205 20.67 10.78 -17.96
C ARG B 205 21.02 10.77 -19.43
N ARG B 206 20.96 11.96 -20.05
CA ARG B 206 21.43 12.13 -21.40
C ARG B 206 22.96 12.00 -21.45
N GLU B 207 23.45 11.49 -22.57
CA GLU B 207 24.89 11.27 -22.72
C GLU B 207 25.64 12.59 -22.66
N GLY B 208 26.74 12.60 -21.92
CA GLY B 208 27.58 13.77 -21.78
C GLY B 208 27.67 14.33 -20.38
N LEU B 209 26.57 14.37 -19.65
CA LEU B 209 26.56 14.87 -18.29
C LEU B 209 27.16 13.84 -17.34
N HIS B 210 27.71 14.33 -16.24
CA HIS B 210 28.29 13.45 -15.22
C HIS B 210 27.17 12.73 -14.48
N ALA B 211 27.34 11.43 -14.29
CA ALA B 211 26.33 10.62 -13.61
C ALA B 211 26.39 10.88 -12.11
N PHE B 212 25.24 11.18 -11.51
CA PHE B 212 25.15 11.41 -10.07
C PHE B 212 24.74 10.15 -9.30
N LEU B 213 24.62 9.01 -9.98
CA LEU B 213 24.20 7.78 -9.32
C LEU B 213 25.19 7.38 -8.23
N GLY B 214 24.66 6.98 -7.08
CA GLY B 214 25.46 6.55 -5.97
C GLY B 214 25.78 7.61 -4.94
N HIS B 215 25.64 8.89 -5.31
CA HIS B 215 25.92 9.97 -4.37
C HIS B 215 24.86 10.02 -3.27
N ARG B 216 25.32 10.33 -2.05
CA ARG B 216 24.43 10.49 -0.91
C ARG B 216 24.57 11.92 -0.39
N PHE B 217 23.43 12.56 -0.16
CA PHE B 217 23.42 13.96 0.25
C PHE B 217 22.87 14.12 1.65
N PRO B 218 23.31 15.14 2.39
CA PRO B 218 22.83 15.31 3.77
C PRO B 218 21.40 15.85 3.82
N ALA B 219 20.93 16.12 5.04
CA ALA B 219 19.59 16.68 5.23
C ALA B 219 19.54 18.17 5.03
N SER B 220 20.68 18.83 4.84
CA SER B 220 20.69 20.27 4.65
C SER B 220 20.07 20.68 3.32
N ASP B 221 20.24 19.87 2.28
CA ASP B 221 19.71 20.22 0.96
C ASP B 221 18.19 20.32 0.98
N ILE B 222 17.53 19.38 1.66
CA ILE B 222 16.07 19.38 1.76
C ILE B 222 15.70 19.56 3.23
N PRO B 223 15.25 20.74 3.62
CA PRO B 223 14.90 20.97 5.03
C PRO B 223 13.71 20.12 5.45
N ALA B 224 13.61 19.92 6.78
CA ALA B 224 12.52 19.12 7.33
C ALA B 224 11.16 19.76 7.05
N GLN B 225 11.12 21.09 6.95
CA GLN B 225 9.87 21.76 6.59
C GLN B 225 9.41 21.35 5.19
N ALA B 226 10.36 21.13 4.28
CA ALA B 226 9.99 20.61 2.97
C ALA B 226 9.40 19.21 3.08
N ARG B 227 10.03 18.35 3.90
CA ARG B 227 9.51 17.00 4.09
C ARG B 227 8.09 17.03 4.63
N ALA B 228 7.81 17.95 5.55
CA ALA B 228 6.44 18.14 6.01
C ALA B 228 5.54 18.62 4.89
N LEU B 229 6.06 19.52 4.04
CA LEU B 229 5.27 20.02 2.92
C LEU B 229 5.21 19.02 1.77
N TYR B 230 6.24 18.17 1.64
CA TYR B 230 6.35 17.31 0.46
C TYR B 230 5.37 16.13 0.51
N THR B 231 4.97 15.70 1.71
CA THR B 231 4.07 14.56 1.81
C THR B 231 2.64 14.92 1.43
N ARG B 232 2.23 16.17 1.60
CA ARG B 232 0.87 16.58 1.27
C ARG B 232 0.73 17.01 -0.18
N HIS B 233 1.76 17.64 -0.74
CA HIS B 233 1.78 18.07 -2.14
C HIS B 233 2.90 17.31 -2.84
N LEU B 234 2.52 16.43 -3.77
CA LEU B 234 3.48 15.46 -4.29
C LEU B 234 4.26 16.00 -5.48
N LEU B 235 3.62 16.81 -6.32
CA LEU B 235 4.25 17.29 -7.55
C LEU B 235 4.50 18.79 -7.48
N ARG B 236 5.63 19.21 -8.03
CA ARG B 236 5.99 20.63 -8.12
C ARG B 236 6.54 20.91 -9.52
N LEU B 237 6.96 22.16 -9.73
CA LEU B 237 7.46 22.58 -11.03
C LEU B 237 8.29 23.84 -10.86
N THR B 238 9.23 24.03 -11.78
CA THR B 238 10.03 25.25 -11.86
C THR B 238 10.32 25.51 -13.33
N ALA B 239 9.57 26.43 -13.94
CA ALA B 239 9.69 26.65 -15.38
C ALA B 239 11.08 27.15 -15.75
N ASP B 240 11.64 28.08 -14.98
CA ASP B 240 12.95 28.62 -15.27
C ASP B 240 13.56 29.16 -14.00
N THR B 241 14.79 28.72 -13.69
CA THR B 241 15.48 29.20 -12.49
C THR B 241 15.97 30.63 -12.65
N ARG B 242 16.16 31.10 -13.88
CA ARG B 242 16.58 32.47 -14.12
C ARG B 242 15.43 33.45 -14.25
N ALA B 243 14.18 32.97 -14.19
CA ALA B 243 13.03 33.84 -14.31
C ALA B 243 12.65 34.41 -12.96
N ALA B 244 12.54 35.73 -12.88
CA ALA B 244 12.15 36.38 -11.63
C ALA B 244 10.65 36.23 -11.39
N ALA B 245 10.29 35.92 -10.15
CA ALA B 245 8.90 35.74 -9.80
C ALA B 245 8.17 37.08 -9.74
N VAL B 246 6.85 37.01 -9.73
CA VAL B 246 6.02 38.22 -9.67
C VAL B 246 5.18 38.17 -8.39
N PRO B 247 4.89 39.31 -7.78
CA PRO B 247 4.15 39.31 -6.52
C PRO B 247 2.64 39.30 -6.73
N LEU B 248 1.93 39.19 -5.62
CA LEU B 248 0.46 39.23 -5.61
C LEU B 248 -0.01 40.52 -4.96
N ASP B 249 -0.89 41.24 -5.65
CA ASP B 249 -1.43 42.49 -5.13
C ASP B 249 -2.93 42.33 -4.85
N PRO B 250 -3.37 42.46 -3.60
CA PRO B 250 -2.59 42.72 -2.38
C PRO B 250 -1.86 41.49 -1.89
N VAL B 251 -0.79 41.67 -1.12
CA VAL B 251 -0.02 40.54 -0.60
C VAL B 251 -0.84 39.76 0.43
N LEU B 252 -1.50 40.46 1.34
CA LEU B 252 -2.30 39.80 2.36
C LEU B 252 -3.72 39.58 1.87
N ASN B 253 -4.35 38.52 2.35
CA ASN B 253 -5.72 38.21 1.95
C ASN B 253 -6.68 39.22 2.57
N PRO B 254 -7.62 39.77 1.79
CA PRO B 254 -8.59 40.71 2.37
C PRO B 254 -9.47 40.09 3.43
N GLN B 255 -9.63 38.77 3.43
CA GLN B 255 -10.53 38.13 4.39
C GLN B 255 -9.99 38.20 5.81
N THR B 256 -8.72 37.87 6.01
CA THR B 256 -8.15 37.78 7.35
C THR B 256 -6.92 38.66 7.56
N ASN B 257 -6.46 39.37 6.54
CA ASN B 257 -5.25 40.20 6.63
C ASN B 257 -4.06 39.37 7.11
N ALA B 258 -3.90 38.20 6.52
CA ALA B 258 -2.88 37.23 6.89
C ALA B 258 -2.15 36.77 5.64
N PRO B 259 -0.94 36.22 5.78
CA PRO B 259 -0.24 35.68 4.61
C PRO B 259 -1.07 34.61 3.92
N THR B 260 -1.05 34.63 2.59
CA THR B 260 -1.85 33.72 1.80
C THR B 260 -1.17 32.36 1.72
N PRO B 261 -1.83 31.28 2.14
CA PRO B 261 -1.22 29.95 2.02
C PRO B 261 -1.15 29.49 0.57
N LEU B 262 0.07 29.49 0.01
CA LEU B 262 0.29 29.09 -1.38
C LEU B 262 1.01 27.75 -1.48
N GLY B 263 0.93 26.93 -0.42
CA GLY B 263 1.65 25.67 -0.43
C GLY B 263 1.17 24.71 -1.49
N GLY B 264 -0.15 24.64 -1.68
CA GLY B 264 -0.72 23.72 -2.65
C GLY B 264 -0.74 24.21 -4.08
N ALA B 265 -0.22 25.40 -4.34
CA ALA B 265 -0.25 25.97 -5.68
C ALA B 265 0.99 25.55 -6.46
N VAL B 266 0.78 24.91 -7.61
CA VAL B 266 1.91 24.55 -8.47
C VAL B 266 2.60 25.78 -9.01
N LEU B 267 1.85 26.85 -9.27
CA LEU B 267 2.42 28.08 -9.80
C LEU B 267 3.32 28.80 -8.81
N ARG B 268 3.32 28.40 -7.55
CA ARG B 268 4.14 29.07 -6.55
C ARG B 268 5.62 28.93 -6.91
N ALA B 269 6.33 30.05 -6.92
CA ALA B 269 7.77 30.04 -7.14
C ALA B 269 8.47 29.51 -5.90
N THR B 270 9.47 28.66 -6.09
CA THR B 270 10.17 28.07 -4.96
C THR B 270 11.06 29.11 -4.28
N SER B 271 11.80 28.66 -3.28
CA SER B 271 12.61 29.56 -2.48
C SER B 271 13.69 30.21 -3.35
N PRO B 272 13.87 31.53 -3.29
CA PRO B 272 14.91 32.17 -4.10
C PRO B 272 16.31 31.67 -3.82
N MET B 273 16.63 31.35 -2.56
CA MET B 273 17.94 30.77 -2.27
C MET B 273 18.07 29.38 -2.90
N HIS B 274 16.99 28.60 -2.89
CA HIS B 274 17.00 27.34 -3.61
C HIS B 274 17.09 27.55 -5.11
N MET B 275 16.50 28.63 -5.62
CA MET B 275 16.66 28.98 -7.03
C MET B 275 18.13 29.23 -7.36
N GLN B 276 18.82 29.98 -6.51
CA GLN B 276 20.24 30.23 -6.73
C GLN B 276 21.05 28.95 -6.62
N TYR B 277 20.71 28.09 -5.65
CA TYR B 277 21.42 26.82 -5.50
C TYR B 277 21.27 25.96 -6.73
N LEU B 278 20.06 25.91 -7.30
CA LEU B 278 19.86 25.18 -8.55
C LEU B 278 20.60 25.85 -9.71
N ARG B 279 20.65 27.19 -9.72
CA ARG B 279 21.39 27.89 -10.76
C ARG B 279 22.88 27.58 -10.68
N ASN B 280 23.39 27.25 -9.50
CA ASN B 280 24.80 26.91 -9.36
C ASN B 280 25.16 25.68 -10.20
N MET B 281 24.20 24.78 -10.43
CA MET B 281 24.43 23.60 -11.24
C MET B 281 24.03 23.81 -12.70
N GLY B 282 23.62 25.01 -13.07
CA GLY B 282 23.22 25.28 -14.45
C GLY B 282 21.97 24.55 -14.88
N VAL B 283 20.95 24.51 -14.04
CA VAL B 283 19.69 23.81 -14.33
C VAL B 283 18.63 24.85 -14.66
N GLY B 284 17.99 24.70 -15.81
CA GLY B 284 16.93 25.60 -16.21
C GLY B 284 15.60 25.27 -15.56
N SER B 285 15.13 24.04 -15.77
CA SER B 285 13.87 23.57 -15.19
C SER B 285 14.15 22.38 -14.28
N SER B 286 13.49 22.35 -13.14
CA SER B 286 13.69 21.31 -12.14
C SER B 286 12.35 20.87 -11.56
N LEU B 287 11.91 19.68 -11.93
CA LEU B 287 10.68 19.11 -11.39
C LEU B 287 11.01 17.93 -10.49
N SER B 288 10.23 17.79 -9.42
CA SER B 288 10.41 16.67 -8.49
C SER B 288 9.04 16.11 -8.15
N VAL B 289 8.92 14.78 -8.20
CA VAL B 289 7.70 14.09 -7.83
C VAL B 289 7.92 13.32 -6.54
N SER B 290 7.07 13.56 -5.55
CA SER B 290 7.20 12.93 -4.25
C SER B 290 6.66 11.50 -4.29
N VAL B 291 7.32 10.61 -3.56
CA VAL B 291 6.87 9.24 -3.37
C VAL B 291 6.54 9.06 -1.90
N VAL B 292 5.27 8.82 -1.60
CA VAL B 292 4.78 8.72 -0.23
C VAL B 292 4.32 7.28 0.00
N VAL B 293 4.87 6.64 1.01
CA VAL B 293 4.54 5.26 1.36
C VAL B 293 4.04 5.26 2.80
N GLY B 294 2.78 4.85 2.97
CA GLY B 294 2.21 4.75 4.31
C GLY B 294 2.13 6.07 5.05
N GLY B 295 1.91 7.17 4.33
CA GLY B 295 1.75 8.48 4.92
C GLY B 295 3.04 9.21 5.21
N GLN B 296 4.20 8.59 4.98
CA GLN B 296 5.48 9.22 5.18
C GLN B 296 6.26 9.27 3.88
N LEU B 297 7.05 10.33 3.72
CA LEU B 297 7.81 10.52 2.48
C LEU B 297 8.87 9.44 2.32
N TRP B 298 8.78 8.68 1.24
CA TRP B 298 9.74 7.63 0.97
C TRP B 298 10.88 8.11 0.09
N GLY B 299 10.59 8.97 -0.88
CA GLY B 299 11.62 9.47 -1.77
C GLY B 299 11.04 10.44 -2.76
N LEU B 300 11.91 10.93 -3.63
CA LEU B 300 11.55 11.89 -4.67
C LEU B 300 11.97 11.36 -6.04
N ILE B 301 11.35 11.91 -7.08
CA ILE B 301 11.78 11.65 -8.45
C ILE B 301 12.16 13.01 -9.03
N ALA B 302 13.42 13.36 -8.89
CA ALA B 302 13.90 14.66 -9.30
C ALA B 302 14.30 14.66 -10.77
N CYS B 303 13.98 15.75 -11.46
CA CYS B 303 14.34 15.92 -12.86
C CYS B 303 15.00 17.27 -13.04
N HIS B 304 15.99 17.32 -13.93
CA HIS B 304 16.73 18.54 -14.20
C HIS B 304 16.84 18.75 -15.70
N HIS B 305 16.79 20.01 -16.12
CA HIS B 305 16.93 20.38 -17.52
C HIS B 305 17.89 21.55 -17.63
N GLN B 306 18.81 21.47 -18.59
CA GLN B 306 19.77 22.56 -18.78
C GLN B 306 19.06 23.84 -19.20
N THR B 307 18.07 23.73 -20.08
CA THR B 307 17.30 24.87 -20.57
C THR B 307 15.91 24.86 -19.96
N PRO B 308 15.29 26.03 -19.79
CA PRO B 308 13.92 26.08 -19.27
C PRO B 308 12.96 25.33 -20.19
N TYR B 309 11.98 24.66 -19.58
CA TYR B 309 11.06 23.82 -20.35
C TYR B 309 9.76 23.73 -19.55
N VAL B 310 8.74 24.49 -19.97
CA VAL B 310 7.43 24.39 -19.35
C VAL B 310 6.83 23.03 -19.66
N LEU B 311 5.89 22.60 -18.82
CA LEU B 311 5.39 21.24 -18.97
C LEU B 311 3.88 21.26 -19.11
N PRO B 312 3.34 20.74 -20.21
CA PRO B 312 1.87 20.69 -20.37
C PRO B 312 1.22 19.85 -19.28
N PRO B 313 0.05 20.28 -18.79
CA PRO B 313 -0.58 19.58 -17.66
C PRO B 313 -1.00 18.15 -17.97
N ASP B 314 -1.37 17.86 -19.23
CA ASP B 314 -1.86 16.54 -19.57
C ASP B 314 -0.81 15.45 -19.38
N LEU B 315 0.48 15.81 -19.32
CA LEU B 315 1.52 14.84 -18.98
C LEU B 315 1.98 14.99 -17.54
N ARG B 316 1.73 16.14 -16.90
CA ARG B 316 1.91 16.22 -15.46
C ARG B 316 0.95 15.28 -14.74
N THR B 317 -0.25 15.11 -15.27
CA THR B 317 -1.16 14.09 -14.74
C THR B 317 -0.55 12.70 -14.89
N THR B 318 0.11 12.44 -16.02
CA THR B 318 0.80 11.16 -16.22
C THR B 318 1.91 10.98 -15.19
N LEU B 319 2.65 12.06 -14.90
CA LEU B 319 3.72 11.98 -13.90
C LEU B 319 3.16 11.69 -12.52
N GLU B 320 2.02 12.31 -12.17
CA GLU B 320 1.37 11.98 -10.92
C GLU B 320 0.94 10.52 -10.88
N TYR B 321 0.42 10.02 -12.01
CA TYR B 321 0.03 8.61 -12.09
C TYR B 321 1.23 7.72 -11.82
N LEU B 322 2.37 8.05 -12.45
CA LEU B 322 3.60 7.31 -12.23
C LEU B 322 4.06 7.39 -10.80
N GLY B 323 3.91 8.55 -10.15
CA GLY B 323 4.30 8.67 -8.76
C GLY B 323 3.48 7.77 -7.85
N ARG B 324 2.16 7.74 -8.05
CA ARG B 324 1.33 6.85 -7.25
C ARG B 324 1.64 5.38 -7.54
N LEU B 325 1.87 5.05 -8.81
CA LEU B 325 2.25 3.69 -9.17
C LEU B 325 3.54 3.28 -8.48
N LEU B 326 4.52 4.18 -8.48
CA LEU B 326 5.79 3.91 -7.83
C LEU B 326 5.61 3.74 -6.32
N SER B 327 4.76 4.57 -5.71
CA SER B 327 4.55 4.46 -4.27
C SER B 327 3.94 3.11 -3.90
N LEU B 328 3.01 2.62 -4.72
CA LEU B 328 2.46 1.29 -4.45
C LEU B 328 3.48 0.19 -4.73
N GLN B 329 4.21 0.31 -5.85
CA GLN B 329 5.08 -0.77 -6.29
C GLN B 329 6.32 -0.89 -5.43
N VAL B 330 6.80 0.20 -4.82
CA VAL B 330 7.95 0.07 -3.93
C VAL B 330 7.57 -0.70 -2.68
N GLN B 331 6.35 -0.50 -2.17
CA GLN B 331 5.89 -1.31 -1.05
C GLN B 331 5.83 -2.78 -1.42
N VAL B 332 5.25 -3.09 -2.58
CA VAL B 332 5.17 -4.48 -3.02
C VAL B 332 6.56 -5.06 -3.18
N LYS B 333 7.49 -4.29 -3.74
CA LYS B 333 8.83 -4.79 -4.02
C LYS B 333 9.63 -4.98 -2.75
N GLU B 334 9.47 -4.08 -1.76
CA GLU B 334 10.10 -4.30 -0.46
C GLU B 334 9.55 -5.54 0.21
N ALA B 335 8.24 -5.76 0.14
CA ALA B 335 7.69 -6.99 0.71
C ALA B 335 8.28 -8.22 0.05
N ALA B 336 8.35 -8.21 -1.29
CA ALA B 336 8.90 -9.35 -2.02
C ALA B 336 10.37 -9.55 -1.70
N ASP B 337 11.14 -8.46 -1.61
CA ASP B 337 12.57 -8.56 -1.34
C ASP B 337 12.83 -9.07 0.08
N VAL B 338 12.03 -8.61 1.04
CA VAL B 338 12.16 -9.12 2.41
C VAL B 338 11.83 -10.60 2.45
N ALA B 339 10.77 -11.01 1.75
CA ALA B 339 10.44 -12.44 1.70
C ALA B 339 11.57 -13.25 1.06
N ALA B 340 12.16 -12.73 -0.01
CA ALA B 340 13.25 -13.44 -0.68
C ALA B 340 14.49 -13.52 0.20
N PHE B 341 14.82 -12.44 0.91
CA PHE B 341 15.99 -12.47 1.79
C PHE B 341 15.76 -13.44 2.94
N ARG B 342 14.53 -13.48 3.48
CA ARG B 342 14.22 -14.46 4.51
C ARG B 342 14.21 -15.86 3.94
N GLN B 343 13.91 -16.00 2.64
CA GLN B 343 13.87 -17.30 2.01
C GLN B 343 15.22 -18.01 2.09
N SER B 344 16.30 -17.25 2.07
CA SER B 344 17.63 -17.84 2.13
C SER B 344 17.90 -18.53 3.45
N LEU B 345 17.14 -18.23 4.49
CA LEU B 345 17.51 -18.60 5.86
C LEU B 345 16.42 -19.33 6.63
N ARG B 346 15.56 -20.13 5.97
CA ARG B 346 14.62 -20.95 6.74
C ARG B 346 15.32 -21.94 7.64
N GLU B 347 16.33 -22.65 7.14
CA GLU B 347 16.95 -23.71 7.93
C GLU B 347 17.49 -23.16 9.25
N HIS B 348 18.29 -22.10 9.20
CA HIS B 348 18.77 -21.47 10.43
C HIS B 348 17.61 -20.91 11.24
N HIS B 349 16.71 -20.16 10.60
CA HIS B 349 15.61 -19.53 11.33
C HIS B 349 14.65 -20.55 11.92
N ALA B 350 14.24 -21.54 11.13
CA ALA B 350 13.32 -22.56 11.65
C ALA B 350 13.98 -23.35 12.77
N ARG B 351 15.26 -23.69 12.60
CA ARG B 351 15.95 -24.46 13.63
C ARG B 351 16.04 -23.68 14.94
N VAL B 352 16.40 -22.40 14.87
CA VAL B 352 16.52 -21.62 16.10
C VAL B 352 15.14 -21.37 16.71
N ALA B 353 14.12 -21.15 15.88
CA ALA B 353 12.77 -20.94 16.41
C ALA B 353 12.26 -22.18 17.12
N LEU B 354 12.52 -23.36 16.56
CA LEU B 354 12.12 -24.60 17.23
C LEU B 354 12.93 -24.82 18.49
N ALA B 355 14.21 -24.45 18.48
CA ALA B 355 15.10 -24.69 19.60
C ALA B 355 15.06 -23.61 20.66
N ALA B 356 14.37 -22.50 20.42
CA ALA B 356 14.28 -21.42 21.40
C ALA B 356 12.87 -21.23 21.96
N ALA B 357 11.83 -21.60 21.22
CA ALA B 357 10.47 -21.42 21.70
C ALA B 357 10.15 -22.39 22.83
N HIS B 358 10.79 -23.55 22.85
CA HIS B 358 10.56 -24.58 23.87
C HIS B 358 11.80 -24.81 24.73
N SER B 359 12.52 -23.75 25.08
CA SER B 359 13.73 -23.84 25.88
C SER B 359 13.42 -23.39 27.30
N LEU B 360 13.60 -24.29 28.26
CA LEU B 360 13.43 -23.92 29.67
C LEU B 360 14.62 -23.13 30.18
N SER B 361 15.82 -23.43 29.69
CA SER B 361 17.04 -22.72 30.06
C SER B 361 17.73 -22.26 28.78
N PRO B 362 17.39 -21.07 28.28
CA PRO B 362 17.97 -20.61 27.01
C PRO B 362 19.49 -20.43 27.05
N HIS B 363 20.09 -20.30 28.23
CA HIS B 363 21.53 -20.11 28.31
C HIS B 363 22.28 -21.30 27.72
N ASP B 364 21.85 -22.52 28.05
CA ASP B 364 22.49 -23.72 27.53
C ASP B 364 21.95 -24.14 26.19
N THR B 365 20.84 -23.54 25.73
CA THR B 365 20.24 -23.91 24.46
C THR B 365 20.54 -22.91 23.35
N LEU B 366 20.95 -21.69 23.70
CA LEU B 366 21.27 -20.68 22.70
C LEU B 366 22.77 -20.45 22.54
N SER B 367 23.57 -20.81 23.53
CA SER B 367 25.02 -20.59 23.47
C SER B 367 25.78 -21.71 22.79
N ASP B 368 25.13 -22.83 22.48
CA ASP B 368 25.81 -23.91 21.81
C ASP B 368 26.10 -23.53 20.35
N PRO B 369 27.23 -23.97 19.79
CA PRO B 369 27.54 -23.64 18.40
C PRO B 369 26.66 -24.35 17.39
N ALA B 370 25.87 -25.34 17.80
CA ALA B 370 25.01 -26.05 16.86
C ALA B 370 23.99 -25.12 16.23
N LEU B 371 23.35 -24.26 17.04
CA LEU B 371 22.42 -23.29 16.48
C LEU B 371 23.14 -22.27 15.61
N ASP B 372 24.32 -21.82 16.05
CA ASP B 372 25.13 -20.83 15.34
C ASP B 372 24.32 -19.56 15.06
N LEU B 373 23.84 -18.94 16.14
CA LEU B 373 23.12 -17.69 16.01
C LEU B 373 24.02 -16.54 15.57
N LEU B 374 25.34 -16.67 15.75
CA LEU B 374 26.26 -15.64 15.28
C LEU B 374 26.22 -15.54 13.75
N GLY B 375 26.22 -16.68 13.07
CA GLY B 375 26.21 -16.66 11.61
C GLY B 375 24.86 -16.34 11.00
N LEU B 376 23.78 -16.49 11.77
CA LEU B 376 22.46 -16.17 11.23
C LEU B 376 22.33 -14.68 10.91
N MET B 377 22.89 -13.82 11.76
CA MET B 377 22.84 -12.38 11.55
C MET B 377 24.11 -11.82 10.93
N ARG B 378 25.10 -12.67 10.64
CA ARG B 378 26.37 -12.24 10.06
C ARG B 378 27.02 -11.16 10.92
N ALA B 379 27.24 -11.51 12.19
CA ALA B 379 27.76 -10.60 13.19
C ALA B 379 29.05 -11.16 13.78
N GLY B 380 29.89 -10.25 14.28
CA GLY B 380 31.17 -10.65 14.82
C GLY B 380 31.11 -11.02 16.29
N GLY B 381 30.03 -10.63 16.97
CA GLY B 381 29.89 -10.93 18.38
C GLY B 381 28.44 -10.99 18.79
N LEU B 382 28.19 -11.66 19.91
CA LEU B 382 26.85 -11.82 20.44
C LEU B 382 26.90 -11.90 21.96
N ILE B 383 25.93 -11.28 22.61
CA ILE B 383 25.82 -11.25 24.07
C ILE B 383 24.53 -11.94 24.48
N LEU B 384 24.62 -12.89 25.39
CA LEU B 384 23.48 -13.66 25.88
C LEU B 384 23.24 -13.28 27.33
N ARG B 385 22.41 -12.25 27.54
CA ARG B 385 22.09 -11.77 28.88
C ARG B 385 20.74 -12.36 29.30
N PHE B 386 20.80 -13.49 29.99
CA PHE B 386 19.63 -14.11 30.58
C PHE B 386 19.95 -14.51 32.02
N GLU B 387 18.94 -14.39 32.89
CA GLU B 387 19.08 -14.71 34.32
C GLU B 387 20.20 -13.88 34.95
N GLY B 388 20.29 -12.62 34.54
CA GLY B 388 21.30 -11.72 35.08
C GLY B 388 22.68 -11.87 34.47
N ARG B 389 23.25 -13.07 34.56
CA ARG B 389 24.57 -13.30 34.00
C ARG B 389 24.52 -13.22 32.47
N TRP B 390 25.54 -12.59 31.89
CA TRP B 390 25.62 -12.42 30.44
C TRP B 390 26.76 -13.26 29.89
N GLN B 391 26.48 -14.01 28.84
CA GLN B 391 27.46 -14.85 28.17
C GLN B 391 27.75 -14.27 26.79
N THR B 392 29.03 -14.13 26.46
CA THR B 392 29.46 -13.48 25.24
C THR B 392 30.03 -14.50 24.25
N LEU B 393 29.81 -14.25 22.97
CA LEU B 393 30.31 -15.09 21.90
C LEU B 393 31.00 -14.23 20.86
N GLY B 394 32.02 -14.81 20.20
CA GLY B 394 32.70 -14.09 19.15
C GLY B 394 33.52 -12.92 19.67
N GLU B 395 33.67 -11.91 18.82
CA GLU B 395 34.47 -10.72 19.13
C GLU B 395 33.65 -9.80 20.03
N VAL B 396 34.09 -9.67 21.28
CA VAL B 396 33.39 -8.84 22.25
C VAL B 396 34.39 -7.92 22.94
N PRO B 397 33.97 -6.73 23.38
CA PRO B 397 34.90 -5.83 24.07
C PRO B 397 35.21 -6.32 25.46
N PRO B 398 36.18 -5.70 26.15
CA PRO B 398 36.46 -6.08 27.53
C PRO B 398 35.24 -5.91 28.43
N ALA B 399 35.24 -6.65 29.54
CA ALA B 399 34.07 -6.72 30.41
C ALA B 399 33.53 -5.37 30.87
N PRO B 400 34.35 -4.41 31.35
CA PRO B 400 33.78 -3.11 31.72
C PRO B 400 33.05 -2.44 30.56
N ALA B 401 33.57 -2.57 29.34
CA ALA B 401 32.87 -2.05 28.18
C ALA B 401 31.55 -2.77 27.97
N VAL B 402 31.51 -4.07 28.25
CA VAL B 402 30.26 -4.83 28.11
C VAL B 402 29.22 -4.33 29.11
N ASP B 403 29.63 -4.10 30.36
CA ASP B 403 28.70 -3.56 31.35
C ASP B 403 28.24 -2.16 30.97
N ALA B 404 29.14 -1.33 30.45
CA ALA B 404 28.73 0.01 30.01
C ALA B 404 27.71 -0.07 28.89
N LEU B 405 27.94 -0.96 27.92
CA LEU B 405 27.01 -1.14 26.83
C LEU B 405 25.67 -1.65 27.34
N LEU B 406 25.68 -2.57 28.29
CA LEU B 406 24.44 -3.09 28.85
C LEU B 406 23.65 -2.00 29.56
N ALA B 407 24.35 -1.16 30.34
CA ALA B 407 23.67 -0.05 31.01
C ALA B 407 23.09 0.92 30.00
N TRP B 408 23.85 1.25 28.95
CA TRP B 408 23.35 2.17 27.93
C TRP B 408 22.14 1.57 27.22
N LEU B 409 22.16 0.27 26.96
CA LEU B 409 21.01 -0.41 26.36
C LEU B 409 19.80 -0.34 27.29
N GLU B 410 20.02 -0.52 28.59
CA GLU B 410 18.93 -0.38 29.55
C GLU B 410 18.35 1.02 29.53
N THR B 411 19.19 2.03 29.31
CA THR B 411 18.68 3.40 29.20
C THR B 411 17.82 3.58 27.95
N GLN B 412 18.00 2.74 26.94
CA GLN B 412 17.22 2.87 25.72
C GLN B 412 15.77 2.47 25.96
N PRO B 413 14.81 3.33 25.62
CA PRO B 413 13.40 2.99 25.90
C PRO B 413 12.82 1.96 24.93
N GLY B 414 13.23 2.02 23.67
CA GLY B 414 12.64 1.13 22.68
C GLY B 414 12.94 -0.32 22.96
N ALA B 415 11.97 -1.18 22.60
CA ALA B 415 12.15 -2.61 22.78
C ALA B 415 13.26 -3.15 21.87
N LEU B 416 13.29 -2.71 20.62
CA LEU B 416 14.30 -3.12 19.66
C LEU B 416 15.18 -1.93 19.32
N VAL B 417 16.49 -2.10 19.44
CA VAL B 417 17.46 -1.06 19.12
C VAL B 417 18.28 -1.54 17.94
N GLN B 418 18.25 -0.78 16.85
CA GLN B 418 18.99 -1.11 15.64
C GLN B 418 19.89 0.07 15.29
N THR B 419 21.16 -0.21 15.03
CA THR B 419 22.09 0.83 14.61
C THR B 419 23.27 0.19 13.90
N ASP B 420 23.70 0.81 12.80
CA ASP B 420 24.94 0.44 12.14
C ASP B 420 26.13 1.23 12.65
N ALA B 421 25.93 2.05 13.68
CA ALA B 421 26.98 2.95 14.16
C ALA B 421 26.77 3.18 15.66
N LEU B 422 27.56 2.47 16.48
CA LEU B 422 27.60 2.78 17.90
C LEU B 422 28.53 3.95 18.21
N GLY B 423 29.39 4.33 17.27
CA GLY B 423 30.31 5.43 17.52
C GLY B 423 29.58 6.76 17.67
N GLN B 424 28.60 7.03 16.81
CA GLN B 424 27.87 8.28 16.91
C GLN B 424 26.92 8.28 18.10
N LEU B 425 26.17 7.19 18.28
CA LEU B 425 25.15 7.15 19.32
C LEU B 425 25.77 7.08 20.71
N TRP B 426 26.75 6.20 20.92
CA TRP B 426 27.41 6.09 22.20
C TRP B 426 28.58 7.07 22.23
N PRO B 427 28.67 7.91 23.27
CA PRO B 427 29.52 9.11 23.18
C PRO B 427 30.97 8.84 22.79
N ALA B 428 31.55 7.74 23.25
CA ALA B 428 32.89 7.32 22.88
C ALA B 428 32.86 5.91 22.32
N GLY B 429 31.92 5.67 21.41
CA GLY B 429 31.73 4.35 20.81
C GLY B 429 32.80 3.95 19.83
N ALA B 430 33.68 4.87 19.43
CA ALA B 430 34.78 4.51 18.54
C ALA B 430 35.75 3.54 19.21
N ASP B 431 35.79 3.52 20.54
CA ASP B 431 36.62 2.55 21.24
C ASP B 431 36.12 1.12 21.03
N LEU B 432 34.80 0.93 20.95
CA LEU B 432 34.25 -0.39 20.68
C LEU B 432 34.32 -0.76 19.21
N ALA B 433 34.60 0.21 18.33
CA ALA B 433 34.64 -0.07 16.89
C ALA B 433 35.62 -1.18 16.51
N PRO B 434 36.83 -1.29 17.08
CA PRO B 434 37.67 -2.45 16.78
C PRO B 434 36.98 -3.77 17.10
N SER B 435 36.12 -3.81 18.12
CA SER B 435 35.36 -4.99 18.46
C SER B 435 33.99 -5.00 17.79
N ALA B 436 33.27 -3.88 17.81
CA ALA B 436 31.94 -3.80 17.24
C ALA B 436 31.56 -2.35 16.99
N ALA B 437 31.21 -2.03 15.74
CA ALA B 437 30.73 -0.72 15.37
C ALA B 437 29.22 -0.66 15.22
N GLY B 438 28.62 -1.67 14.60
CA GLY B 438 27.17 -1.75 14.46
C GLY B 438 26.57 -2.66 15.51
N LEU B 439 25.33 -2.38 15.89
CA LEU B 439 24.67 -3.13 16.95
C LEU B 439 23.20 -3.33 16.62
N LEU B 440 22.73 -4.57 16.80
CA LEU B 440 21.31 -4.89 16.69
C LEU B 440 20.94 -5.64 17.97
N ALA B 441 20.05 -5.04 18.76
CA ALA B 441 19.67 -5.57 20.06
C ALA B 441 18.16 -5.76 20.14
N ILE B 442 17.75 -6.88 20.71
CA ILE B 442 16.35 -7.17 20.98
C ILE B 442 16.19 -7.44 22.47
N SER B 443 15.17 -6.84 23.08
CA SER B 443 14.92 -6.96 24.50
C SER B 443 13.83 -8.00 24.72
N VAL B 444 14.20 -9.15 25.29
CA VAL B 444 13.21 -10.17 25.61
C VAL B 444 12.33 -9.66 26.74
N GLY B 445 11.03 -9.74 26.55
CA GLY B 445 10.10 -9.15 27.49
C GLY B 445 10.10 -7.64 27.38
N GLU B 446 10.44 -6.95 28.48
CA GLU B 446 10.52 -5.50 28.46
C GLU B 446 11.45 -5.06 29.58
N GLY B 447 11.88 -3.80 29.50
CA GLY B 447 12.77 -3.23 30.49
C GLY B 447 14.24 -3.54 30.28
N TRP B 448 14.59 -4.28 29.22
CA TRP B 448 15.97 -4.63 28.89
C TRP B 448 16.64 -5.46 29.97
N SER B 449 15.86 -6.06 30.87
CA SER B 449 16.43 -6.94 31.88
C SER B 449 17.05 -8.18 31.24
N GLU B 450 16.37 -8.75 30.25
CA GLU B 450 16.87 -9.89 29.49
C GLU B 450 16.90 -9.48 28.02
N CYS B 451 18.10 -9.36 27.46
CA CYS B 451 18.26 -8.84 26.12
C CYS B 451 19.27 -9.68 25.33
N LEU B 452 19.13 -9.65 24.01
CA LEU B 452 20.07 -10.25 23.09
C LEU B 452 20.76 -9.15 22.29
N VAL B 453 22.07 -9.26 22.14
CA VAL B 453 22.88 -8.25 21.48
C VAL B 453 23.67 -8.91 20.36
N TRP B 454 23.64 -8.29 19.17
CA TRP B 454 24.47 -8.70 18.05
C TRP B 454 25.51 -7.63 17.77
N LEU B 455 26.76 -8.04 17.67
CA LEU B 455 27.89 -7.12 17.54
C LEU B 455 28.53 -7.28 16.16
N ARG B 456 28.63 -6.17 15.43
CA ARG B 456 29.18 -6.16 14.09
C ARG B 456 30.48 -5.38 14.04
N PRO B 457 31.57 -5.99 13.56
CA PRO B 457 32.85 -5.28 13.52
C PRO B 457 32.84 -4.14 12.52
N GLU B 458 33.73 -3.18 12.75
CA GLU B 458 33.82 -2.00 11.90
C GLU B 458 34.34 -2.38 10.52
N LEU B 459 33.69 -1.83 9.48
CA LEU B 459 34.16 -1.96 8.11
C LEU B 459 34.39 -0.56 7.55
N ARG B 460 35.60 -0.32 7.04
CA ARG B 460 35.94 1.00 6.50
C ARG B 460 35.32 1.14 5.12
N LEU B 461 34.20 1.84 5.05
CA LEU B 461 33.48 2.07 3.81
C LEU B 461 33.36 3.56 3.55
N GLU B 462 33.45 3.94 2.27
CA GLU B 462 33.36 5.34 1.86
C GLU B 462 32.23 5.50 0.86
N VAL B 463 31.36 6.49 1.09
CA VAL B 463 30.26 6.82 0.19
C VAL B 463 30.42 8.28 -0.22
N ALA B 464 30.34 8.53 -1.52
CA ALA B 464 30.57 9.87 -2.04
C ALA B 464 29.44 10.81 -1.62
N TRP B 465 29.80 11.98 -1.10
CA TRP B 465 28.85 13.03 -0.78
C TRP B 465 28.99 14.15 -1.80
N GLY B 466 27.85 14.58 -2.35
CA GLY B 466 27.85 15.66 -3.32
C GLY B 466 28.31 16.98 -2.74
N GLY B 467 29.49 17.43 -3.13
CA GLY B 467 30.04 18.66 -2.63
C GLY B 467 30.48 18.59 -1.18
N PRO B 479 24.70 28.96 -0.68
CA PRO B 479 24.72 27.55 -1.14
C PRO B 479 26.07 27.12 -1.68
N ARG B 480 26.32 25.82 -1.67
CA ARG B 480 27.60 25.29 -2.14
C ARG B 480 27.68 25.38 -3.66
N HIS B 481 28.92 25.36 -4.17
CA HIS B 481 29.18 25.43 -5.59
C HIS B 481 29.83 24.17 -6.15
N SER B 482 30.22 23.22 -5.31
CA SER B 482 30.86 21.99 -5.74
C SER B 482 29.81 20.90 -5.92
N PHE B 483 29.77 20.31 -7.10
CA PHE B 483 28.83 19.24 -7.42
C PHE B 483 29.55 18.13 -8.18
N ASP B 484 30.75 17.79 -7.70
CA ASP B 484 31.58 16.76 -8.31
C ASP B 484 31.72 15.60 -7.34
N THR B 485 32.52 14.61 -7.72
CA THR B 485 32.75 13.45 -6.87
C THR B 485 33.55 13.86 -5.65
N TYR B 486 33.07 13.45 -4.48
CA TYR B 486 33.72 13.79 -3.20
C TYR B 486 33.46 12.65 -2.22
N LEU B 487 34.44 11.76 -2.08
CA LEU B 487 34.35 10.66 -1.14
C LEU B 487 35.01 11.04 0.17
N GLU B 488 34.28 10.86 1.27
CA GLU B 488 34.76 11.18 2.61
C GLU B 488 35.10 9.89 3.31
N GLU B 489 36.31 9.79 3.85
CA GLU B 489 36.69 8.63 4.64
C GLU B 489 35.82 8.58 5.88
N LYS B 490 35.06 7.51 6.01
CA LYS B 490 33.93 7.45 6.93
C LYS B 490 34.22 6.53 8.10
N ARG B 491 34.03 7.06 9.31
CA ARG B 491 34.58 6.47 10.52
C ARG B 491 33.55 5.62 11.26
N GLY B 492 33.94 4.39 11.57
CA GLY B 492 33.28 3.60 12.60
C GLY B 492 31.84 3.20 12.37
N TYR B 493 31.49 2.81 11.15
CA TYR B 493 30.22 2.13 10.93
C TYR B 493 30.48 0.70 10.47
N ALA B 494 29.46 -0.13 10.59
CA ALA B 494 29.51 -1.52 10.14
C ALA B 494 28.63 -1.68 8.91
N GLU B 495 28.50 -2.92 8.46
CA GLU B 495 27.63 -3.21 7.33
C GLU B 495 26.19 -2.87 7.70
N PRO B 496 25.47 -2.12 6.87
CA PRO B 496 24.09 -1.77 7.22
C PRO B 496 23.22 -3.00 7.39
N TRP B 497 22.31 -2.93 8.36
CA TRP B 497 21.45 -4.07 8.67
C TRP B 497 20.37 -4.20 7.60
N HIS B 498 20.32 -5.36 6.97
CA HIS B 498 19.30 -5.60 5.95
C HIS B 498 17.92 -5.65 6.61
N PRO B 499 16.88 -5.19 5.92
CA PRO B 499 15.53 -5.29 6.50
C PRO B 499 15.13 -6.72 6.85
N GLY B 500 15.60 -7.71 6.09
CA GLY B 500 15.36 -9.09 6.45
C GLY B 500 15.97 -9.46 7.79
N GLU B 501 17.17 -8.94 8.07
CA GLU B 501 17.79 -9.18 9.37
C GLU B 501 16.97 -8.56 10.50
N ILE B 502 16.43 -7.36 10.28
CA ILE B 502 15.61 -6.72 11.30
C ILE B 502 14.32 -7.50 11.52
N GLU B 503 13.70 -7.98 10.44
CA GLU B 503 12.50 -8.80 10.58
C GLU B 503 12.80 -10.09 11.34
N GLU B 504 13.94 -10.72 11.04
CA GLU B 504 14.33 -11.92 11.76
C GLU B 504 14.56 -11.63 13.23
N ALA B 505 15.18 -10.49 13.55
CA ALA B 505 15.37 -10.11 14.94
C ALA B 505 14.04 -9.90 15.65
N GLN B 506 13.08 -9.25 14.97
CA GLN B 506 11.77 -9.06 15.56
C GLN B 506 11.07 -10.40 15.82
N ASP B 507 11.16 -11.32 14.86
CA ASP B 507 10.55 -12.63 15.05
C ASP B 507 11.20 -13.39 16.20
N LEU B 508 12.53 -13.33 16.29
CA LEU B 508 13.23 -14.00 17.39
C LEU B 508 12.84 -13.40 18.74
N ARG B 509 12.74 -12.07 18.81
CA ARG B 509 12.31 -11.43 20.05
C ARG B 509 10.90 -11.83 20.42
N ASP B 510 10.01 -11.91 19.42
CA ASP B 510 8.63 -12.31 19.70
C ASP B 510 8.56 -13.74 20.21
N THR B 511 9.32 -14.66 19.60
CA THR B 511 9.25 -16.04 20.05
C THR B 511 9.93 -16.23 21.41
N LEU B 512 10.98 -15.46 21.69
CA LEU B 512 11.60 -15.54 23.01
C LEU B 512 10.68 -14.97 24.09
N THR B 513 9.98 -13.88 23.78
CA THR B 513 9.03 -13.33 24.73
C THR B 513 7.83 -14.26 24.92
N GLY B 514 7.48 -15.03 23.88
CA GLY B 514 6.47 -16.06 24.05
C GLY B 514 6.93 -17.18 24.96
N ALA B 515 8.17 -17.65 24.78
CA ALA B 515 8.73 -18.67 25.66
C ALA B 515 8.94 -18.14 27.07
N LEU B 516 9.00 -16.82 27.23
CA LEU B 516 9.06 -16.22 28.56
C LEU B 516 7.88 -16.64 29.42
N GLY B 517 6.71 -16.85 28.80
CA GLY B 517 5.55 -17.29 29.55
C GLY B 517 5.74 -18.68 30.15
N GLU B 518 6.25 -19.62 29.35
CA GLU B 518 6.53 -20.95 29.87
C GLU B 518 7.63 -20.91 30.92
N ARG B 519 8.63 -20.05 30.72
CA ARG B 519 9.68 -19.87 31.72
C ARG B 519 9.08 -19.45 33.06
N LEU B 520 8.21 -18.43 33.04
CA LEU B 520 7.61 -17.97 34.28
C LEU B 520 6.67 -19.02 34.87
N SER B 521 5.98 -19.78 34.02
CA SER B 521 5.10 -20.82 34.52
C SER B 521 5.87 -21.88 35.28
N VAL B 522 6.97 -22.36 34.70
CA VAL B 522 7.75 -23.40 35.38
C VAL B 522 8.43 -22.85 36.62
N ILE B 523 8.91 -21.60 36.58
CA ILE B 523 9.56 -21.05 37.76
C ILE B 523 8.54 -20.77 38.87
N ARG B 524 7.30 -20.46 38.49
CA ARG B 524 6.24 -20.29 39.50
C ARG B 524 5.85 -21.63 40.11
N ASP B 525 5.83 -22.69 39.29
CA ASP B 525 5.63 -24.02 39.85
C ASP B 525 6.73 -24.37 40.84
N LEU B 526 7.98 -24.06 40.50
CA LEU B 526 9.08 -24.29 41.42
C LEU B 526 8.93 -23.47 42.70
N ASN B 527 8.55 -22.20 42.56
CA ASN B 527 8.32 -21.36 43.73
C ASN B 527 7.26 -21.97 44.65
N ARG B 528 6.12 -22.37 44.08
CA ARG B 528 5.05 -22.93 44.91
C ARG B 528 5.50 -24.24 45.56
N ALA B 529 6.16 -25.11 44.80
CA ALA B 529 6.54 -26.41 45.33
C ALA B 529 7.61 -26.29 46.42
N LEU B 530 8.47 -25.27 46.32
CA LEU B 530 9.53 -25.14 47.31
C LEU B 530 9.10 -24.28 48.50
N THR B 531 8.08 -23.44 48.31
CA THR B 531 7.50 -22.73 49.45
C THR B 531 6.59 -23.64 50.27
N GLN B 532 5.90 -24.56 49.62
CA GLN B 532 5.04 -25.50 50.33
C GLN B 532 4.81 -26.75 49.50
C1A LBV C . -22.18 -19.46 -9.03
C1B LBV C . -18.27 -19.04 -11.07
O1B LBV C . -14.11 -16.49 -15.77
C1C LBV C . -18.37 -14.68 -10.50
O1C LBV C . -19.24 -10.54 -12.84
C1D LBV C . -22.27 -13.13 -8.47
C2A LBV C . -21.95 -20.85 -8.47
C2B LBV C . -16.98 -19.09 -11.66
O2B LBV C . -13.42 -15.84 -13.75
C2C LBV C . -18.35 -13.28 -10.58
O2C LBV C . -17.47 -10.45 -14.19
C2D LBV C . -23.07 -12.64 -7.36
C3A LBV C . -20.64 -21.26 -9.10
C3B LBV C . -16.52 -17.80 -11.76
C3C LBV C . -19.40 -12.80 -9.80
C3D LBV C . -24.05 -11.86 -7.85
C4A LBV C . -20.23 -20.19 -10.03
C4B LBV C . -17.53 -16.94 -11.23
C4C LBV C . -20.06 -13.91 -9.25
C4D LBV C . -23.92 -11.82 -9.32
CAA LBV C . -19.85 -22.29 -8.79
CAB LBV C . -15.22 -17.35 -12.32
CAC LBV C . -17.40 -12.43 -11.34
CAD LBV C . -25.08 -11.16 -7.09
CBA LBV C . -20.07 -23.30 -7.72
CBB LBV C . -15.26 -17.32 -13.84
CBC LBV C . -17.76 -12.38 -12.82
CBD LBV C . -25.92 -10.24 -7.54
CGB LBV C . -14.17 -16.47 -14.53
CGC LBV C . -18.19 -11.00 -13.34
CHB LBV C . -19.10 -20.16 -10.79
CHC LBV C . -17.48 -15.57 -11.13
CHD LBV C . -21.20 -13.95 -8.39
CMA LBV C . -23.13 -21.74 -8.83
CMB LBV C . -16.30 -20.35 -12.07
CMC LBV C . -19.73 -11.36 -9.61
CMD LBV C . -22.77 -13.00 -5.94
N_A LBV C . -21.16 -19.18 -9.91
O_A LBV C . -23.09 -18.71 -8.80
N_B LBV C . -18.57 -17.76 -10.82
N_C LBV C . -19.42 -15.05 -9.69
N_D LBV C . -22.82 -12.60 -9.62
O_D LBV C . -24.58 -11.23 -10.15
C1A LBV D . 19.97 23.54 -0.03
C1B LBV D . 15.56 24.02 -0.05
O1B LBV D . 9.56 24.89 -3.07
C1C LBV D . 15.14 20.65 -2.84
O1C LBV D . 14.35 19.62 -7.50
C1D LBV D . 19.20 18.83 -4.23
C2A LBV D . 20.19 24.05 1.37
C2B LBV D . 14.17 24.25 0.13
O2B LBV D . 9.59 22.89 -2.07
C2C LBV D . 14.87 19.74 -3.87
O2C LBV D . 12.20 20.21 -7.70
C2D LBV D . 20.27 17.83 -4.22
C3A LBV D . 18.83 24.55 1.79
C3B LBV D . 13.50 23.36 -0.67
C3C LBV D . 16.04 19.04 -4.15
C3D LBV D . 20.85 17.81 -5.44
C4A LBV D . 17.94 24.41 0.64
C4B LBV D . 14.48 22.56 -1.35
C4C LBV D . 17.03 19.53 -3.29
C4D LBV D . 20.15 18.81 -6.29
CAA LBV D . 18.42 24.89 3.01
CAB LBV D . 12.02 23.21 -0.83
CAC LBV D . 13.57 19.54 -4.56
CAD LBV D . 21.95 16.98 -5.88
CBA LBV D . 19.20 24.87 4.28
CBB LBV D . 11.48 24.28 -1.77
CBC LBV D . 13.31 20.61 -5.62
CBD LBV D . 22.39 16.82 -7.12
CGB LBV D . 10.09 24.00 -2.36
CGC LBV D . 13.27 20.10 -7.07
CHB LBV D . 16.61 24.72 0.59
CHC LBV D . 14.24 21.55 -2.25
CHD LBV D . 18.39 19.13 -3.19
CMA LBV D . 21.29 25.12 1.35
CMB LBV D . 13.62 25.28 1.04
CMC LBV D . 16.16 17.98 -5.19
CMD LBV D . 20.60 17.03 -3.01
N_A LBV D . 18.65 23.79 -0.36
O_A LBV D . 20.75 23.01 -0.77
N_B LBV D . 15.71 23.01 -0.93
N_C LBV D . 16.47 20.50 -2.50
N_D LBV D . 19.18 19.37 -5.49
O_D LBV D . 20.34 19.11 -7.45
#